data_8H50
#
_entry.id   8H50
#
_cell.length_a   152.165
_cell.length_b   160.646
_cell.length_c   162.021
_cell.angle_alpha   90.000
_cell.angle_beta   90.000
_cell.angle_gamma   90.000
#
_symmetry.space_group_name_H-M   'C 2 2 21'
#
loop_
_entity.id
_entity.type
_entity.pdbx_description
1 polymer 'Saccharopine dehydrogenase'
2 water water
#
_entity_poly.entity_id   1
_entity_poly.type   'polypeptide(L)'
_entity_poly.pdbx_seq_one_letter_code
;GSHMASMHTVLQIGAGGVGSVVAHKMGMNRDVFKNIILASRSLDKCYAIKESMLKKGLGEIGVEQVDADDTQALVALIQK
YKPKVVINVALPYQDLTIMQACLETKTHYIDTANYEHPDLAKFEYKEQWAFDRAYKEARILGVLGAGFDPGVTNAYVAHA
QRHHFDTIHTLDILDCNAGDHKRPFATNFNPEINLREVSSKGRYYENGKWIETKPLEIKQVWAYPQIGEMDSYLLYHEEL
ESLVKNIKGLRRARFFMTFSQNYLTHMKCLENVGMLGIKEIEHQGVKIVPIQFLKTLLPDPATLAKDTTGKTNIGCYMTG
IKNNQDKTLYIYNVCDHKKCYEEVGSQAISYTTGVPAMCAAKMICNDTWSADHFRAGVFNIEELNTDPFMEELIKQGLPY
EVIER
;
_entity_poly.pdbx_strand_id   A,B,C
#
# COMPACT_ATOMS: atom_id res chain seq x y z
N MET A 4 26.49 -25.98 -29.15
CA MET A 4 27.49 -24.93 -29.20
C MET A 4 27.31 -23.83 -28.14
N ALA A 5 26.10 -23.27 -28.00
CA ALA A 5 25.87 -22.16 -27.09
C ALA A 5 26.12 -22.56 -25.64
N SER A 6 26.60 -21.61 -24.85
CA SER A 6 26.89 -21.86 -23.45
C SER A 6 25.73 -21.37 -22.60
N MET A 7 25.51 -22.05 -21.47
CA MET A 7 24.48 -21.63 -20.53
C MET A 7 25.04 -20.58 -19.59
N HIS A 8 24.19 -19.66 -19.18
CA HIS A 8 24.70 -18.49 -18.48
C HIS A 8 23.85 -18.14 -17.26
N THR A 9 24.35 -17.14 -16.55
CA THR A 9 23.78 -16.67 -15.30
C THR A 9 23.38 -15.23 -15.53
N VAL A 10 22.17 -14.88 -15.10
CA VAL A 10 21.66 -13.53 -15.24
C VAL A 10 21.21 -13.03 -13.88
N LEU A 11 21.51 -11.77 -13.62
CA LEU A 11 21.15 -11.08 -12.39
C LEU A 11 20.12 -10.04 -12.76
N GLN A 12 18.94 -10.11 -12.17
CA GLN A 12 17.87 -9.16 -12.43
C GLN A 12 17.63 -8.33 -11.19
N ILE A 13 17.64 -7.01 -11.36
CA ILE A 13 17.43 -6.06 -10.27
C ILE A 13 16.05 -5.45 -10.50
N GLY A 14 15.08 -5.90 -9.72
CA GLY A 14 13.71 -5.42 -9.85
C GLY A 14 12.73 -6.57 -9.81
N ALA A 15 11.66 -6.44 -9.03
CA ALA A 15 10.69 -7.53 -8.90
C ALA A 15 9.28 -7.00 -9.03
N GLY A 16 9.07 -6.04 -9.91
CA GLY A 16 7.76 -5.47 -10.16
C GLY A 16 7.00 -6.20 -11.25
N GLY A 17 6.09 -5.49 -11.89
CA GLY A 17 5.30 -6.09 -12.95
C GLY A 17 6.17 -6.56 -14.10
N VAL A 18 7.08 -5.70 -14.55
CA VAL A 18 7.96 -6.06 -15.65
C VAL A 18 8.99 -7.09 -15.20
N GLY A 19 9.48 -6.94 -13.96
CA GLY A 19 10.48 -7.85 -13.47
C GLY A 19 9.95 -9.26 -13.33
N SER A 20 8.65 -9.41 -13.07
CA SER A 20 8.10 -10.76 -13.00
C SER A 20 8.05 -11.39 -14.38
N VAL A 21 7.73 -10.61 -15.41
CA VAL A 21 7.67 -11.16 -16.75
C VAL A 21 9.06 -11.61 -17.17
N VAL A 22 10.07 -10.79 -16.91
CA VAL A 22 11.42 -11.10 -17.33
C VAL A 22 11.89 -12.39 -16.66
N ALA A 23 11.60 -12.52 -15.36
CA ALA A 23 11.99 -13.74 -14.64
C ALA A 23 11.24 -14.96 -15.17
N HIS A 24 9.93 -14.84 -15.37
CA HIS A 24 9.16 -15.95 -15.92
C HIS A 24 9.69 -16.35 -17.30
N LYS A 25 9.86 -15.36 -18.18
CA LYS A 25 10.33 -15.65 -19.53
C LYS A 25 11.74 -16.24 -19.53
N MET A 26 12.60 -15.82 -18.60
CA MET A 26 13.89 -16.49 -18.51
C MET A 26 13.73 -17.95 -18.08
N GLY A 27 12.78 -18.24 -17.21
CA GLY A 27 12.57 -19.61 -16.84
C GLY A 27 11.96 -20.47 -17.93
N MET A 28 11.42 -19.86 -18.98
CA MET A 28 10.96 -20.62 -20.14
C MET A 28 12.10 -20.94 -21.10
N ASN A 29 13.23 -20.24 -20.97
CA ASN A 29 14.38 -20.42 -21.83
C ASN A 29 15.58 -20.95 -21.03
N ARG A 30 15.44 -22.17 -20.52
CA ARG A 30 16.50 -22.76 -19.71
C ARG A 30 17.65 -23.33 -20.53
N ASP A 31 17.55 -23.24 -21.86
CA ASP A 31 18.67 -23.61 -22.70
C ASP A 31 19.75 -22.54 -22.72
N VAL A 32 19.39 -21.31 -22.35
CA VAL A 32 20.31 -20.19 -22.30
C VAL A 32 20.66 -19.81 -20.87
N PHE A 33 19.64 -19.69 -20.01
CA PHE A 33 19.78 -19.16 -18.66
C PHE A 33 19.76 -20.31 -17.66
N LYS A 34 20.94 -20.78 -17.25
CA LYS A 34 21.00 -21.84 -16.25
C LYS A 34 20.62 -21.31 -14.87
N ASN A 35 21.20 -20.18 -14.47
CA ASN A 35 20.91 -19.57 -13.18
C ASN A 35 20.23 -18.21 -13.35
N ILE A 36 19.08 -18.04 -12.69
CA ILE A 36 18.33 -16.80 -12.70
C ILE A 36 18.28 -16.30 -11.27
N ILE A 37 18.85 -15.12 -11.03
CA ILE A 37 18.91 -14.55 -9.68
C ILE A 37 18.16 -13.23 -9.70
N LEU A 38 17.24 -13.08 -8.76
CA LEU A 38 16.40 -11.90 -8.63
C LEU A 38 16.83 -11.12 -7.39
N ALA A 39 16.95 -9.80 -7.53
CA ALA A 39 17.32 -8.96 -6.42
C ALA A 39 16.42 -7.74 -6.35
N SER A 40 16.05 -7.37 -5.14
CA SER A 40 15.20 -6.19 -4.94
C SER A 40 15.30 -5.76 -3.48
N ARG A 41 14.70 -4.60 -3.21
CA ARG A 41 14.52 -4.17 -1.83
C ARG A 41 13.43 -4.98 -1.15
N SER A 42 12.44 -5.42 -1.91
CA SER A 42 11.31 -6.17 -1.40
C SER A 42 11.49 -7.66 -1.65
N LEU A 43 11.86 -8.40 -0.60
CA LEU A 43 11.93 -9.86 -0.72
C LEU A 43 10.55 -10.45 -0.97
N ASP A 44 9.50 -9.81 -0.47
CA ASP A 44 8.15 -10.32 -0.66
C ASP A 44 7.85 -10.47 -2.15
N LYS A 45 8.11 -9.42 -2.93
CA LYS A 45 7.82 -9.47 -4.37
C LYS A 45 8.69 -10.51 -5.08
N CYS A 46 9.95 -10.65 -4.66
CA CYS A 46 10.81 -11.67 -5.26
C CYS A 46 10.26 -13.07 -5.00
N TYR A 47 9.92 -13.36 -3.75
CA TYR A 47 9.41 -14.68 -3.39
C TYR A 47 8.07 -14.97 -4.07
N ALA A 48 7.27 -13.94 -4.33
CA ALA A 48 6.03 -14.15 -5.08
C ALA A 48 6.31 -14.61 -6.49
N ILE A 49 7.32 -14.01 -7.13
CA ILE A 49 7.72 -14.44 -8.46
C ILE A 49 8.28 -15.85 -8.41
N LYS A 50 9.14 -16.13 -7.44
CA LYS A 50 9.69 -17.47 -7.27
C LYS A 50 8.60 -18.53 -7.17
N GLU A 51 7.61 -18.31 -6.30
CA GLU A 51 6.51 -19.27 -6.18
C GLU A 51 5.75 -19.41 -7.49
N SER A 52 5.45 -18.29 -8.14
CA SER A 52 4.68 -18.34 -9.38
C SER A 52 5.38 -19.21 -10.42
N MET A 53 6.70 -18.99 -10.59
CA MET A 53 7.45 -19.78 -11.56
C MET A 53 7.45 -21.26 -11.20
N LEU A 54 7.62 -21.58 -9.92
CA LEU A 54 7.59 -22.98 -9.51
C LEU A 54 6.23 -23.61 -9.79
N LYS A 55 5.15 -22.84 -9.56
CA LYS A 55 3.80 -23.36 -9.84
C LYS A 55 3.62 -23.67 -11.32
N LYS A 56 4.25 -22.88 -12.20
CA LYS A 56 4.17 -23.05 -13.64
C LYS A 56 5.25 -23.97 -14.21
N GLY A 57 6.01 -24.63 -13.35
CA GLY A 57 7.04 -25.58 -13.77
C GLY A 57 8.18 -24.92 -14.52
N LEU A 58 8.61 -23.75 -14.06
CA LEU A 58 9.64 -22.99 -14.75
C LEU A 58 10.99 -23.06 -14.03
N GLY A 59 11.07 -23.77 -12.93
CA GLY A 59 12.32 -23.96 -12.22
C GLY A 59 12.40 -23.08 -10.99
N GLU A 60 13.59 -23.11 -10.38
CA GLU A 60 13.88 -22.33 -9.20
C GLU A 60 14.66 -21.09 -9.60
N ILE A 61 14.53 -20.03 -8.81
CA ILE A 61 15.34 -18.84 -9.01
C ILE A 61 15.98 -18.43 -7.71
N GLY A 62 17.03 -17.64 -7.83
CA GLY A 62 17.72 -17.11 -6.68
C GLY A 62 17.13 -15.75 -6.32
N VAL A 63 17.00 -15.52 -5.02
CA VAL A 63 16.39 -14.32 -4.47
C VAL A 63 17.39 -13.65 -3.55
N GLU A 64 17.58 -12.35 -3.72
CA GLU A 64 18.54 -11.63 -2.91
C GLU A 64 17.97 -10.26 -2.56
N GLN A 65 18.39 -9.75 -1.41
CA GLN A 65 18.00 -8.41 -1.00
C GLN A 65 19.15 -7.46 -1.31
N VAL A 66 18.80 -6.28 -1.86
CA VAL A 66 19.83 -5.32 -2.24
C VAL A 66 19.18 -3.95 -2.33
N ASP A 67 19.93 -2.93 -1.92
CA ASP A 67 19.55 -1.53 -2.15
C ASP A 67 20.32 -1.05 -3.36
N ALA A 68 19.61 -0.90 -4.50
CA ALA A 68 20.22 -0.58 -5.77
C ALA A 68 20.74 0.84 -5.83
N ASP A 69 20.59 1.61 -4.76
CA ASP A 69 21.22 2.90 -4.61
C ASP A 69 22.64 2.80 -4.06
N ASP A 70 23.03 1.59 -3.60
CA ASP A 70 24.32 1.32 -2.99
C ASP A 70 25.18 0.63 -4.05
N THR A 71 26.08 1.38 -4.69
CA THR A 71 26.88 0.78 -5.75
C THR A 71 27.70 -0.39 -5.22
N GLN A 72 28.32 -0.24 -4.04
CA GLN A 72 29.16 -1.31 -3.52
C GLN A 72 28.33 -2.54 -3.16
N ALA A 73 27.07 -2.34 -2.77
CA ALA A 73 26.22 -3.49 -2.50
C ALA A 73 25.89 -4.22 -3.78
N LEU A 74 25.71 -3.46 -4.85
CA LEU A 74 25.47 -4.03 -6.16
C LEU A 74 26.72 -4.76 -6.66
N VAL A 75 27.89 -4.16 -6.46
CA VAL A 75 29.14 -4.77 -6.89
C VAL A 75 29.35 -6.11 -6.21
N ALA A 76 29.10 -6.17 -4.90
CA ALA A 76 29.31 -7.41 -4.16
C ALA A 76 28.38 -8.51 -4.65
N LEU A 77 27.16 -8.14 -5.06
CA LEU A 77 26.23 -9.13 -5.58
C LEU A 77 26.71 -9.67 -6.93
N ILE A 78 27.21 -8.78 -7.79
CA ILE A 78 27.68 -9.23 -9.10
C ILE A 78 28.89 -10.15 -8.94
N GLN A 79 29.79 -9.80 -8.03
CA GLN A 79 30.99 -10.61 -7.82
C GLN A 79 30.64 -11.97 -7.24
N LYS A 80 29.56 -12.05 -6.45
CA LYS A 80 29.13 -13.32 -5.86
C LYS A 80 28.68 -14.30 -6.93
N TYR A 81 27.81 -13.84 -7.84
CA TYR A 81 27.19 -14.65 -8.87
C TYR A 81 27.89 -14.61 -10.23
N LYS A 82 28.71 -13.61 -10.49
CA LYS A 82 29.43 -13.46 -11.76
C LYS A 82 28.47 -13.66 -12.93
N PRO A 83 27.42 -12.85 -13.04
CA PRO A 83 26.48 -13.05 -14.13
C PRO A 83 27.06 -12.48 -15.41
N LYS A 84 26.54 -12.96 -16.54
CA LYS A 84 27.01 -12.50 -17.85
C LYS A 84 26.42 -11.15 -18.20
N VAL A 85 25.18 -10.90 -17.76
CA VAL A 85 24.48 -9.64 -17.98
C VAL A 85 23.64 -9.32 -16.74
N VAL A 86 23.45 -8.03 -16.47
CA VAL A 86 22.59 -7.52 -15.41
C VAL A 86 21.41 -6.81 -16.06
N ILE A 87 20.19 -7.21 -15.72
CA ILE A 87 18.98 -6.61 -16.27
C ILE A 87 18.42 -5.67 -15.23
N ASN A 88 18.29 -4.40 -15.58
CA ASN A 88 17.79 -3.37 -14.68
C ASN A 88 16.32 -3.13 -15.01
N VAL A 89 15.45 -3.66 -14.14
CA VAL A 89 14.02 -3.39 -14.20
C VAL A 89 13.64 -2.81 -12.84
N ALA A 90 14.55 -2.05 -12.24
CA ALA A 90 14.32 -1.48 -10.93
C ALA A 90 13.77 -0.06 -11.04
N LEU A 91 13.99 0.76 -10.02
CA LEU A 91 13.49 2.12 -10.01
C LEU A 91 14.28 2.97 -11.01
N PRO A 92 13.64 3.98 -11.62
CA PRO A 92 14.28 4.65 -12.75
C PRO A 92 15.41 5.59 -12.37
N TYR A 93 15.55 5.95 -11.10
CA TYR A 93 16.68 6.78 -10.71
C TYR A 93 17.89 5.94 -10.34
N GLN A 94 17.73 4.63 -10.23
CA GLN A 94 18.79 3.73 -9.83
C GLN A 94 19.55 3.12 -11.00
N ASP A 95 19.19 3.49 -12.23
CA ASP A 95 19.93 2.97 -13.38
C ASP A 95 21.36 3.50 -13.41
N LEU A 96 21.56 4.73 -12.93
CA LEU A 96 22.89 5.32 -12.95
C LEU A 96 23.82 4.64 -11.97
N THR A 97 23.30 4.09 -10.88
CA THR A 97 24.15 3.37 -9.96
C THR A 97 24.38 1.94 -10.43
N ILE A 98 23.38 1.37 -11.12
CA ILE A 98 23.54 0.00 -11.59
C ILE A 98 24.50 -0.04 -12.76
N MET A 99 24.47 1.00 -13.59
CA MET A 99 25.44 1.10 -14.68
C MET A 99 26.84 1.25 -14.12
N GLN A 100 26.98 1.96 -13.00
CA GLN A 100 28.29 2.13 -12.41
C GLN A 100 28.81 0.83 -11.84
N ALA A 101 27.93 0.02 -11.23
CA ALA A 101 28.35 -1.28 -10.73
C ALA A 101 28.79 -2.18 -11.88
N CYS A 102 28.03 -2.19 -12.96
CA CYS A 102 28.38 -2.95 -14.14
C CYS A 102 29.74 -2.54 -14.67
N LEU A 103 30.01 -1.23 -14.71
CA LEU A 103 31.31 -0.75 -15.15
C LEU A 103 32.43 -1.28 -14.26
N GLU A 104 32.24 -1.15 -12.95
CA GLU A 104 33.25 -1.53 -11.99
C GLU A 104 33.53 -3.03 -12.01
N THR A 105 32.52 -3.84 -12.31
CA THR A 105 32.68 -5.28 -12.38
C THR A 105 32.87 -5.78 -13.81
N LYS A 106 32.93 -4.87 -14.79
CA LYS A 106 33.06 -5.21 -16.21
C LYS A 106 32.00 -6.26 -16.59
N THR A 107 30.73 -5.89 -16.37
CA THR A 107 29.59 -6.74 -16.68
C THR A 107 28.62 -6.00 -17.60
N HIS A 108 27.86 -6.78 -18.38
CA HIS A 108 26.97 -6.18 -19.37
C HIS A 108 25.64 -5.74 -18.74
N TYR A 109 25.05 -4.69 -19.29
CA TYR A 109 23.93 -3.97 -18.71
C TYR A 109 22.76 -3.84 -19.69
N ILE A 110 21.54 -3.99 -19.17
CA ILE A 110 20.31 -3.83 -19.92
C ILE A 110 19.32 -3.10 -19.03
N ASP A 111 18.65 -2.08 -19.56
CA ASP A 111 17.53 -1.47 -18.87
C ASP A 111 16.38 -1.29 -19.84
N THR A 112 15.22 -0.90 -19.30
CA THR A 112 14.02 -0.73 -20.09
C THR A 112 13.51 0.70 -20.14
N ALA A 113 13.99 1.59 -19.28
CA ALA A 113 13.60 2.99 -19.33
C ALA A 113 14.76 3.89 -18.92
N GLU A 124 15.79 12.76 -20.69
CA GLU A 124 16.93 12.80 -21.60
C GLU A 124 17.86 11.61 -21.39
N TYR A 125 18.59 11.26 -22.45
CA TYR A 125 19.56 10.17 -22.44
C TYR A 125 20.94 10.63 -22.01
N LYS A 126 21.12 11.93 -21.75
CA LYS A 126 22.43 12.53 -21.48
C LYS A 126 23.30 11.73 -20.52
N GLU A 127 22.84 11.55 -19.27
CA GLU A 127 23.69 10.91 -18.28
C GLU A 127 23.91 9.44 -18.58
N GLN A 128 22.95 8.78 -19.23
CA GLN A 128 23.13 7.37 -19.58
C GLN A 128 24.09 7.21 -20.76
N TRP A 129 24.05 8.13 -21.72
CA TRP A 129 24.96 8.09 -22.85
C TRP A 129 26.40 8.42 -22.45
N ALA A 130 26.60 9.13 -21.33
CA ALA A 130 27.92 9.53 -20.89
C ALA A 130 28.79 8.37 -20.43
N PHE A 131 28.22 7.17 -20.33
CA PHE A 131 28.97 5.97 -20.02
C PHE A 131 29.59 5.32 -21.26
N ASP A 132 29.41 5.92 -22.44
CA ASP A 132 29.91 5.29 -23.65
C ASP A 132 31.42 5.12 -23.61
N ARG A 133 32.15 6.18 -23.25
CA ARG A 133 33.60 6.10 -23.18
C ARG A 133 34.03 5.06 -22.16
N ALA A 134 33.50 5.14 -20.93
CA ALA A 134 33.88 4.19 -19.89
C ALA A 134 33.54 2.76 -20.27
N TYR A 135 32.37 2.55 -20.88
CA TYR A 135 31.97 1.20 -21.27
C TYR A 135 32.87 0.64 -22.35
N LYS A 136 33.27 1.49 -23.31
CA LYS A 136 34.19 1.03 -24.35
C LYS A 136 35.51 0.62 -23.73
N GLU A 137 36.04 1.44 -22.81
CA GLU A 137 37.30 1.15 -22.16
C GLU A 137 37.25 -0.16 -21.40
N ALA A 138 36.06 -0.54 -20.92
CA ALA A 138 35.90 -1.76 -20.16
C ALA A 138 35.50 -2.95 -21.02
N ARG A 139 35.26 -2.71 -22.31
CA ARG A 139 34.89 -3.77 -23.25
C ARG A 139 33.63 -4.50 -22.79
N ILE A 140 32.62 -3.71 -22.42
CA ILE A 140 31.30 -4.21 -22.04
C ILE A 140 30.23 -3.52 -22.89
N LEU A 141 29.02 -4.04 -22.78
CA LEU A 141 27.89 -3.59 -23.57
C LEU A 141 26.85 -2.91 -22.68
N GLY A 142 26.23 -1.85 -23.19
CA GLY A 142 25.19 -1.16 -22.47
C GLY A 142 24.00 -0.89 -23.36
N VAL A 143 22.96 -1.71 -23.22
CA VAL A 143 21.77 -1.65 -24.05
C VAL A 143 20.67 -0.88 -23.31
N LEU A 144 20.29 0.27 -23.86
CA LEU A 144 19.32 1.14 -23.23
C LEU A 144 17.93 0.94 -23.84
N GLY A 145 16.93 0.95 -22.99
CA GLY A 145 15.54 0.90 -23.41
C GLY A 145 15.16 -0.35 -24.15
N ALA A 146 15.38 -1.51 -23.55
CA ALA A 146 14.99 -2.78 -24.15
C ALA A 146 13.59 -3.21 -23.72
N GLY A 147 12.65 -2.29 -23.70
CA GLY A 147 11.26 -2.61 -23.42
C GLY A 147 10.50 -2.76 -24.72
N PHE A 148 9.29 -2.23 -24.76
CA PHE A 148 8.58 -2.22 -26.04
C PHE A 148 8.72 -0.85 -26.71
N ASP A 149 8.34 0.21 -26.00
CA ASP A 149 8.52 1.58 -26.48
C ASP A 149 9.15 2.40 -25.36
N PRO A 150 10.48 2.57 -25.37
CA PRO A 150 11.39 2.13 -26.44
C PRO A 150 11.77 0.68 -26.36
N GLY A 151 12.30 0.19 -27.46
CA GLY A 151 12.73 -1.18 -27.55
C GLY A 151 12.30 -1.79 -28.86
N VAL A 152 11.17 -2.49 -28.82
CA VAL A 152 10.65 -3.14 -30.01
C VAL A 152 10.31 -2.11 -31.08
N THR A 153 9.78 -0.95 -30.68
CA THR A 153 9.53 0.12 -31.64
C THR A 153 10.82 0.62 -32.27
N ASN A 154 11.90 0.69 -31.49
CA ASN A 154 13.19 1.02 -32.08
C ASN A 154 13.60 -0.07 -33.05
N ALA A 155 13.40 -1.32 -32.65
CA ALA A 155 13.66 -2.44 -33.53
C ALA A 155 12.77 -2.37 -34.78
N TYR A 156 11.48 -2.09 -34.59
CA TYR A 156 10.59 -1.97 -35.74
C TYR A 156 11.12 -0.97 -36.76
N VAL A 157 11.61 0.17 -36.27
CA VAL A 157 12.14 1.18 -37.19
C VAL A 157 13.45 0.71 -37.81
N ALA A 158 14.31 0.08 -37.01
CA ALA A 158 15.55 -0.44 -37.58
C ALA A 158 15.27 -1.56 -38.57
N HIS A 159 14.31 -2.43 -38.24
CA HIS A 159 14.00 -3.55 -39.12
C HIS A 159 13.38 -3.07 -40.42
N ALA A 160 12.66 -1.95 -40.39
CA ALA A 160 12.11 -1.40 -41.62
C ALA A 160 13.12 -0.54 -42.37
N GLN A 161 14.13 -0.02 -41.67
CA GLN A 161 15.16 0.78 -42.31
C GLN A 161 16.03 -0.07 -43.23
N ARG A 162 16.29 -1.33 -42.89
CA ARG A 162 17.19 -2.13 -43.70
C ARG A 162 16.51 -3.19 -44.56
N HIS A 163 15.20 -3.43 -44.38
CA HIS A 163 14.48 -4.43 -45.18
C HIS A 163 13.34 -3.84 -45.98
N HIS A 164 12.97 -2.58 -45.76
CA HIS A 164 11.78 -2.04 -46.41
C HIS A 164 11.94 -0.63 -46.93
N PHE A 165 13.02 0.09 -46.62
CA PHE A 165 13.15 1.47 -47.04
C PHE A 165 14.59 1.79 -47.41
N ASP A 166 14.76 2.72 -48.33
CA ASP A 166 16.07 3.30 -48.56
C ASP A 166 16.22 4.57 -47.74
N THR A 167 15.13 5.33 -47.65
CA THR A 167 15.05 6.49 -46.78
C THR A 167 13.66 6.51 -46.15
N ILE A 168 13.62 6.80 -44.85
CA ILE A 168 12.37 6.89 -44.11
C ILE A 168 12.09 8.37 -43.89
N HIS A 169 10.89 8.81 -44.30
CA HIS A 169 10.57 10.22 -44.22
C HIS A 169 9.78 10.54 -42.96
N THR A 170 8.76 9.75 -42.68
CA THR A 170 7.92 10.00 -41.53
C THR A 170 7.85 8.74 -40.68
N LEU A 171 7.74 8.95 -39.38
CA LEU A 171 7.60 7.88 -38.42
C LEU A 171 6.62 8.34 -37.35
N ASP A 172 5.56 7.56 -37.15
CA ASP A 172 4.56 7.81 -36.12
C ASP A 172 4.49 6.54 -35.30
N ILE A 173 4.76 6.65 -33.99
CA ILE A 173 4.64 5.53 -33.08
C ILE A 173 3.27 5.63 -32.42
N LEU A 174 2.52 4.54 -32.45
CA LEU A 174 1.15 4.53 -31.99
C LEU A 174 1.03 3.44 -30.94
N ASP A 175 0.76 3.85 -29.69
CA ASP A 175 0.66 2.97 -28.52
C ASP A 175 -0.79 3.00 -28.05
N CYS A 176 -1.42 1.82 -28.02
CA CYS A 176 -2.82 1.72 -27.63
C CYS A 176 -3.01 0.63 -26.59
N ASN A 177 -3.64 1.00 -25.48
CA ASN A 177 -4.06 0.05 -24.46
C ASN A 177 -5.57 0.07 -24.41
N ALA A 178 -6.19 -1.02 -24.84
CA ALA A 178 -7.64 -1.14 -24.89
C ALA A 178 -8.16 -2.17 -23.89
N GLY A 179 -7.44 -2.34 -22.79
CA GLY A 179 -7.86 -3.28 -21.78
C GLY A 179 -8.82 -2.64 -20.79
N ASP A 180 -9.66 -3.47 -20.18
CA ASP A 180 -10.59 -3.03 -19.16
C ASP A 180 -10.19 -3.76 -17.88
N HIS A 181 -9.71 -3.02 -16.89
CA HIS A 181 -9.32 -3.62 -15.63
C HIS A 181 -10.52 -3.87 -14.73
N LYS A 182 -11.73 -3.60 -15.23
CA LYS A 182 -13.01 -3.86 -14.59
C LYS A 182 -13.30 -2.88 -13.45
N ARG A 183 -12.40 -1.97 -13.15
CA ARG A 183 -12.64 -0.97 -12.12
C ARG A 183 -13.23 0.30 -12.70
N PRO A 184 -13.83 1.14 -11.85
CA PRO A 184 -14.31 2.44 -12.34
C PRO A 184 -13.17 3.31 -12.79
N PHE A 185 -12.12 3.33 -12.01
CA PHE A 185 -10.90 4.05 -12.33
C PHE A 185 -9.75 3.38 -11.60
N ALA A 186 -8.63 3.18 -12.31
CA ALA A 186 -7.41 2.62 -11.74
C ALA A 186 -6.28 2.85 -12.72
N THR A 187 -5.07 2.90 -12.18
CA THR A 187 -3.84 3.10 -12.95
C THR A 187 -3.03 1.81 -12.93
N ASN A 188 -2.23 1.61 -13.97
CA ASN A 188 -1.38 0.42 -14.03
C ASN A 188 0.01 0.67 -13.48
N PHE A 189 0.38 1.93 -13.24
CA PHE A 189 1.66 2.29 -12.64
C PHE A 189 1.42 3.36 -11.58
N ASN A 190 2.50 3.90 -11.06
CA ASN A 190 2.44 4.99 -10.10
C ASN A 190 1.74 6.21 -10.70
N PRO A 191 0.78 6.83 -9.98
CA PRO A 191 0.07 8.01 -10.51
C PRO A 191 0.95 9.16 -10.99
N GLU A 192 2.21 9.27 -10.54
CA GLU A 192 3.04 10.35 -11.07
C GLU A 192 3.35 10.14 -12.55
N ILE A 193 3.44 8.88 -13.00
CA ILE A 193 3.56 8.60 -14.43
C ILE A 193 2.40 9.22 -15.17
N ASN A 194 1.18 8.89 -14.71
CA ASN A 194 -0.07 9.36 -15.29
C ASN A 194 -0.11 10.89 -15.35
N LEU A 195 0.30 11.55 -14.26
CA LEU A 195 0.32 13.00 -14.24
C LEU A 195 1.26 13.56 -15.30
N ARG A 196 2.45 12.97 -15.41
CA ARG A 196 3.40 13.41 -16.44
C ARG A 196 2.80 13.23 -17.83
N GLU A 197 2.18 12.08 -18.09
CA GLU A 197 1.64 11.78 -19.42
C GLU A 197 0.65 12.85 -19.89
N VAL A 198 -0.20 13.35 -18.99
CA VAL A 198 -1.29 14.23 -19.41
C VAL A 198 -1.03 15.70 -19.09
N SER A 199 0.03 16.02 -18.39
CA SER A 199 0.28 17.41 -18.02
C SER A 199 1.50 18.02 -18.68
N SER A 200 2.41 17.19 -19.21
CA SER A 200 3.61 17.73 -19.83
C SER A 200 3.31 18.19 -21.25
N LYS A 201 4.05 19.21 -21.68
CA LYS A 201 3.87 19.71 -23.02
C LYS A 201 4.28 18.62 -24.02
N GLY A 202 3.59 18.58 -25.16
CA GLY A 202 3.93 17.62 -26.18
C GLY A 202 5.13 18.05 -26.99
N ARG A 203 5.82 17.07 -27.57
CA ARG A 203 7.02 17.38 -28.33
C ARG A 203 7.13 16.43 -29.51
N TYR A 204 7.37 16.97 -30.71
CA TYR A 204 7.62 16.12 -31.86
C TYR A 204 8.61 16.82 -32.78
N TYR A 205 9.13 16.05 -33.73
CA TYR A 205 10.20 16.48 -34.62
C TYR A 205 9.68 16.64 -36.04
N GLU A 206 9.95 17.80 -36.65
CA GLU A 206 9.53 18.03 -38.02
C GLU A 206 10.52 18.97 -38.70
N ASN A 207 11.13 18.48 -39.79
CA ASN A 207 12.01 19.28 -40.64
C ASN A 207 13.12 19.94 -39.83
N GLY A 208 13.85 19.11 -39.09
CA GLY A 208 15.05 19.53 -38.39
C GLY A 208 14.83 20.34 -37.13
N LYS A 209 13.59 20.44 -36.63
CA LYS A 209 13.30 21.25 -35.46
C LYS A 209 12.42 20.45 -34.51
N TRP A 210 12.53 20.75 -33.22
CA TRP A 210 11.68 20.14 -32.22
C TRP A 210 10.53 21.08 -31.91
N ILE A 211 9.31 20.58 -32.03
CA ILE A 211 8.09 21.38 -31.84
C ILE A 211 7.46 21.03 -30.52
N GLU A 212 7.18 22.06 -29.71
CA GLU A 212 6.53 21.92 -28.41
C GLU A 212 5.06 22.26 -28.57
N THR A 213 4.19 21.48 -27.91
CA THR A 213 2.76 21.71 -28.02
C THR A 213 2.12 21.85 -26.63
N LYS A 214 0.84 22.16 -26.62
CA LYS A 214 0.09 22.16 -25.39
C LYS A 214 -0.25 20.71 -25.02
N PRO A 215 -0.39 20.40 -23.73
CA PRO A 215 -0.73 19.03 -23.33
C PRO A 215 -1.97 18.51 -24.04
N LEU A 216 -1.79 17.42 -24.79
CA LEU A 216 -2.87 16.81 -25.58
C LEU A 216 -3.49 17.81 -26.56
N GLU A 217 -2.65 18.69 -27.14
CA GLU A 217 -3.17 19.67 -28.09
C GLU A 217 -3.53 19.02 -29.41
N ILE A 218 -2.74 18.06 -29.87
CA ILE A 218 -2.92 17.41 -31.17
C ILE A 218 -3.52 16.03 -30.94
N LYS A 219 -4.78 15.88 -31.30
CA LYS A 219 -5.51 14.62 -31.19
C LYS A 219 -5.77 14.10 -32.60
N GLN A 220 -5.97 12.78 -32.69
CA GLN A 220 -6.34 12.17 -33.96
C GLN A 220 -6.92 10.80 -33.70
N VAL A 221 -7.90 10.42 -34.50
CA VAL A 221 -8.51 9.10 -34.40
C VAL A 221 -7.75 8.16 -35.32
N TRP A 222 -7.41 6.98 -34.80
CA TRP A 222 -6.64 6.00 -35.53
C TRP A 222 -7.24 4.63 -35.27
N ALA A 223 -7.35 3.83 -36.32
CA ALA A 223 -7.95 2.49 -36.22
C ALA A 223 -6.82 1.49 -35.98
N TYR A 224 -6.75 0.98 -34.74
CA TYR A 224 -5.72 0.03 -34.36
C TYR A 224 -6.19 -1.38 -34.67
N PRO A 225 -5.43 -2.15 -35.46
CA PRO A 225 -5.85 -3.51 -35.80
C PRO A 225 -6.22 -4.34 -34.58
N GLN A 226 -7.37 -5.02 -34.68
CA GLN A 226 -7.96 -5.91 -33.68
C GLN A 226 -8.54 -5.14 -32.50
N ILE A 227 -8.61 -3.82 -32.57
CA ILE A 227 -9.16 -3.03 -31.47
C ILE A 227 -10.28 -2.13 -31.97
N GLY A 228 -9.95 -1.22 -32.89
CA GLY A 228 -10.91 -0.32 -33.48
C GLY A 228 -10.39 1.10 -33.46
N GLU A 229 -11.30 2.04 -33.66
CA GLU A 229 -10.92 3.45 -33.68
C GLU A 229 -10.82 3.96 -32.25
N MET A 230 -9.69 4.59 -31.92
CA MET A 230 -9.40 5.09 -30.59
C MET A 230 -8.81 6.50 -30.72
N ASP A 231 -9.16 7.36 -29.78
CA ASP A 231 -8.63 8.72 -29.80
C ASP A 231 -7.17 8.71 -29.39
N SER A 232 -6.30 9.15 -30.30
CA SER A 232 -4.86 9.14 -30.09
C SER A 232 -4.34 10.56 -29.93
N TYR A 233 -3.55 10.79 -28.89
CA TYR A 233 -3.06 12.12 -28.58
C TYR A 233 -1.54 12.14 -28.75
N LEU A 234 -1.02 13.30 -29.10
CA LEU A 234 0.41 13.44 -29.35
C LEU A 234 1.13 13.70 -28.04
N LEU A 235 2.18 12.91 -27.78
CA LEU A 235 2.98 13.02 -26.58
C LEU A 235 4.44 13.05 -26.98
N TYR A 236 5.30 13.29 -25.99
CA TYR A 236 6.73 13.12 -26.16
C TYR A 236 7.11 11.75 -25.62
N HIS A 237 8.08 11.11 -26.27
CA HIS A 237 8.59 9.85 -25.75
C HIS A 237 10.11 9.83 -25.86
N GLU A 238 10.73 9.09 -24.94
CA GLU A 238 12.19 8.96 -24.91
C GLU A 238 12.76 8.56 -26.27
N GLU A 239 12.17 7.52 -26.89
CA GLU A 239 12.73 6.95 -28.12
C GLU A 239 12.92 7.96 -29.24
N LEU A 240 12.12 9.02 -29.25
CA LEU A 240 12.27 10.04 -30.29
C LEU A 240 13.68 10.62 -30.28
N GLU A 241 14.24 10.82 -29.09
CA GLU A 241 15.59 11.37 -28.98
C GLU A 241 16.57 10.54 -29.79
N SER A 242 16.72 9.26 -29.44
CA SER A 242 17.62 8.37 -30.16
C SER A 242 17.24 8.27 -31.64
N LEU A 243 15.98 7.95 -31.93
CA LEU A 243 15.56 7.69 -33.30
C LEU A 243 15.81 8.88 -34.22
N VAL A 244 15.48 10.09 -33.79
CA VAL A 244 15.70 11.24 -34.67
C VAL A 244 17.18 11.37 -34.99
N LYS A 245 18.03 11.08 -34.03
CA LYS A 245 19.46 11.19 -34.21
C LYS A 245 20.05 10.03 -35.00
N ASN A 246 19.42 8.86 -34.95
CA ASN A 246 19.99 7.66 -35.52
C ASN A 246 19.34 7.21 -36.82
N ILE A 247 18.23 7.82 -37.24
CA ILE A 247 17.59 7.50 -38.50
C ILE A 247 17.83 8.69 -39.42
N LYS A 248 18.69 8.50 -40.41
CA LYS A 248 19.04 9.61 -41.31
C LYS A 248 17.88 9.84 -42.26
N GLY A 249 17.66 11.11 -42.59
CA GLY A 249 16.62 11.44 -43.55
C GLY A 249 15.24 11.60 -42.99
N LEU A 250 15.08 11.57 -41.67
CA LEU A 250 13.75 11.72 -41.07
C LEU A 250 13.22 13.12 -41.26
N ARG A 251 11.98 13.22 -41.72
CA ARG A 251 11.34 14.52 -41.88
C ARG A 251 10.29 14.79 -40.81
N ARG A 252 9.70 13.75 -40.24
CA ARG A 252 8.77 13.93 -39.13
C ARG A 252 8.80 12.70 -38.24
N ALA A 253 8.80 12.94 -36.93
CA ALA A 253 8.75 11.85 -35.96
C ALA A 253 7.79 12.24 -34.85
N ARG A 254 6.79 11.41 -34.61
CA ARG A 254 5.75 11.74 -33.67
C ARG A 254 5.36 10.49 -32.90
N PHE A 255 4.94 10.70 -31.65
CA PHE A 255 4.48 9.62 -30.80
C PHE A 255 3.05 9.91 -30.38
N PHE A 256 2.20 8.88 -30.45
CA PHE A 256 0.78 8.98 -30.14
C PHE A 256 0.41 7.89 -29.16
N MET A 257 -0.39 8.25 -28.15
CA MET A 257 -0.92 7.31 -27.16
C MET A 257 -2.42 7.54 -27.02
N THR A 258 -3.15 6.46 -26.77
CA THR A 258 -4.60 6.57 -26.63
C THR A 258 -4.99 6.99 -25.22
N PHE A 259 -6.08 7.73 -25.14
CA PHE A 259 -6.70 8.15 -23.89
C PHE A 259 -8.20 8.11 -24.08
N SER A 260 -8.90 7.34 -23.24
CA SER A 260 -10.35 7.32 -23.32
C SER A 260 -10.90 8.58 -22.68
N GLN A 261 -12.14 8.93 -23.04
CA GLN A 261 -12.71 10.11 -22.40
C GLN A 261 -12.97 9.85 -20.92
N ASN A 262 -13.36 8.62 -20.59
CA ASN A 262 -13.51 8.22 -19.18
C ASN A 262 -12.23 8.51 -18.40
N TYR A 263 -11.11 7.94 -18.81
CA TYR A 263 -9.84 8.19 -18.14
C TYR A 263 -9.52 9.69 -18.09
N LEU A 264 -9.68 10.37 -19.22
CA LEU A 264 -9.31 11.79 -19.28
C LEU A 264 -10.19 12.60 -18.34
N THR A 265 -11.48 12.25 -18.27
CA THR A 265 -12.41 12.96 -17.39
C THR A 265 -12.00 12.82 -15.93
N HIS A 266 -11.65 11.60 -15.52
CA HIS A 266 -11.13 11.37 -14.18
C HIS A 266 -9.89 12.21 -13.91
N MET A 267 -8.94 12.21 -14.84
CA MET A 267 -7.72 12.97 -14.62
C MET A 267 -7.99 14.46 -14.50
N LYS A 268 -8.96 14.97 -15.26
CA LYS A 268 -9.24 16.40 -15.19
C LYS A 268 -9.90 16.74 -13.88
N CYS A 269 -10.70 15.83 -13.34
CA CYS A 269 -11.36 16.05 -12.06
C CYS A 269 -10.36 15.95 -10.92
N LEU A 270 -9.56 14.88 -10.93
CA LEU A 270 -8.51 14.68 -9.95
C LEU A 270 -7.54 15.85 -9.91
N GLU A 271 -7.24 16.43 -11.07
CA GLU A 271 -6.34 17.57 -11.08
C GLU A 271 -7.02 18.82 -10.52
N ASN A 272 -8.35 18.90 -10.62
CA ASN A 272 -9.07 20.11 -10.24
C ASN A 272 -9.27 20.22 -8.73
N VAL A 273 -9.33 19.09 -8.03
CA VAL A 273 -9.47 19.14 -6.57
C VAL A 273 -8.12 19.26 -5.88
N GLY A 274 -7.03 19.04 -6.61
CA GLY A 274 -5.71 19.03 -6.03
C GLY A 274 -5.21 17.64 -5.73
N MET A 275 -5.85 16.61 -6.28
CA MET A 275 -5.45 15.24 -6.02
C MET A 275 -4.28 14.79 -6.88
N LEU A 276 -3.85 15.62 -7.82
CA LEU A 276 -2.65 15.33 -8.60
C LEU A 276 -1.49 16.19 -8.14
N GLY A 277 -1.55 16.71 -6.92
CA GLY A 277 -0.51 17.56 -6.42
C GLY A 277 0.70 16.77 -6.01
N ILE A 278 1.86 17.38 -6.22
CA ILE A 278 3.13 16.78 -5.87
C ILE A 278 3.79 17.46 -4.67
N LYS A 279 3.55 18.75 -4.45
CA LYS A 279 4.04 19.44 -3.26
C LYS A 279 3.20 19.04 -2.05
N GLU A 280 3.85 19.03 -0.88
CA GLU A 280 3.17 18.62 0.34
C GLU A 280 2.20 19.69 0.79
N ILE A 281 1.13 19.27 1.48
CA ILE A 281 0.17 20.18 2.11
C ILE A 281 -0.06 19.70 3.54
N GLU A 282 -0.37 20.62 4.43
CA GLU A 282 -0.55 20.28 5.84
C GLU A 282 -2.00 19.86 6.03
N HIS A 283 -2.22 18.67 6.57
CA HIS A 283 -3.55 18.19 6.88
C HIS A 283 -3.52 17.61 8.28
N GLN A 284 -4.21 18.29 9.19
CA GLN A 284 -4.31 17.86 10.57
C GLN A 284 -2.92 17.69 11.20
N GLY A 285 -2.08 18.71 11.00
CA GLY A 285 -0.73 18.75 11.53
C GLY A 285 0.22 17.72 10.96
N VAL A 286 -0.12 17.12 9.82
CA VAL A 286 0.72 16.12 9.16
C VAL A 286 0.83 16.53 7.69
N LYS A 287 2.07 16.70 7.22
CA LYS A 287 2.33 17.12 5.85
C LYS A 287 2.14 15.94 4.90
N ILE A 288 1.25 16.09 3.90
CA ILE A 288 0.88 15.00 3.01
C ILE A 288 1.11 15.40 1.56
N VAL A 289 1.46 14.42 0.74
CA VAL A 289 1.66 14.60 -0.69
C VAL A 289 0.41 14.09 -1.39
N PRO A 290 -0.38 14.96 -2.01
CA PRO A 290 -1.67 14.51 -2.57
C PRO A 290 -1.58 13.28 -3.47
N ILE A 291 -0.69 13.30 -4.46
CA ILE A 291 -0.60 12.19 -5.41
C ILE A 291 -0.19 10.89 -4.73
N GLN A 292 0.61 10.96 -3.65
CA GLN A 292 1.00 9.74 -2.96
C GLN A 292 -0.20 9.14 -2.22
N PHE A 293 -1.07 9.99 -1.70
CA PHE A 293 -2.31 9.52 -1.11
C PHE A 293 -3.21 8.88 -2.15
N LEU A 294 -3.19 9.42 -3.37
CA LEU A 294 -3.97 8.84 -4.46
C LEU A 294 -3.49 7.42 -4.77
N LYS A 295 -2.16 7.18 -4.68
CA LYS A 295 -1.65 5.84 -4.92
C LYS A 295 -2.12 4.86 -3.87
N THR A 296 -2.24 5.30 -2.61
CA THR A 296 -2.75 4.43 -1.55
C THR A 296 -4.20 4.07 -1.79
N LEU A 297 -4.99 5.05 -2.23
CA LEU A 297 -6.41 4.87 -2.49
C LEU A 297 -6.66 3.91 -3.65
N LEU A 298 -6.01 4.15 -4.78
CA LEU A 298 -6.26 3.37 -5.98
C LEU A 298 -5.85 1.90 -5.80
N PRO A 299 -6.47 0.98 -6.54
CA PRO A 299 -6.13 -0.43 -6.41
C PRO A 299 -4.65 -0.68 -6.69
N ASP A 300 -4.09 -1.62 -5.94
CA ASP A 300 -2.71 -2.03 -6.19
C ASP A 300 -2.64 -2.61 -7.59
N PRO A 301 -1.79 -2.07 -8.48
CA PRO A 301 -1.83 -2.51 -9.89
C PRO A 301 -1.58 -4.00 -10.10
N ALA A 302 -0.96 -4.69 -9.15
CA ALA A 302 -0.78 -6.12 -9.31
C ALA A 302 -2.10 -6.88 -9.21
N THR A 303 -3.09 -6.33 -8.52
CA THR A 303 -4.35 -7.03 -8.33
C THR A 303 -5.27 -6.91 -9.54
N LEU A 304 -4.90 -6.07 -10.50
CA LEU A 304 -5.70 -5.86 -11.70
C LEU A 304 -5.49 -6.92 -12.77
N ALA A 305 -4.31 -7.53 -12.80
CA ALA A 305 -3.98 -8.49 -13.85
C ALA A 305 -5.03 -9.59 -13.96
N LYS A 306 -5.48 -10.11 -12.82
CA LYS A 306 -6.44 -11.20 -12.81
C LYS A 306 -7.76 -10.82 -13.47
N ASP A 307 -8.16 -9.54 -13.37
CA ASP A 307 -9.44 -9.10 -13.92
C ASP A 307 -9.35 -8.50 -15.31
N THR A 308 -8.16 -8.10 -15.75
CA THR A 308 -8.03 -7.35 -16.99
C THR A 308 -8.31 -8.20 -18.22
N THR A 309 -9.11 -7.65 -19.13
CA THR A 309 -9.43 -8.24 -20.42
C THR A 309 -9.25 -7.17 -21.48
N GLY A 310 -8.93 -7.59 -22.68
CA GLY A 310 -8.75 -6.63 -23.73
C GLY A 310 -7.46 -6.87 -24.47
N LYS A 311 -7.10 -5.90 -25.32
CA LYS A 311 -5.91 -6.03 -26.16
C LYS A 311 -5.12 -4.73 -26.16
N THR A 312 -3.85 -4.87 -26.51
CA THR A 312 -2.93 -3.75 -26.69
C THR A 312 -2.47 -3.75 -28.14
N ASN A 313 -2.26 -2.55 -28.69
CA ASN A 313 -1.64 -2.42 -30.00
C ASN A 313 -0.57 -1.34 -29.92
N ILE A 314 0.68 -1.75 -30.12
CA ILE A 314 1.79 -0.83 -30.21
C ILE A 314 2.49 -1.13 -31.53
N GLY A 315 2.91 -0.07 -32.22
CA GLY A 315 3.55 -0.23 -33.50
C GLY A 315 4.03 1.09 -34.04
N CYS A 316 4.69 1.03 -35.20
CA CYS A 316 5.19 2.20 -35.91
C CYS A 316 4.59 2.27 -37.30
N TYR A 317 4.28 3.48 -37.73
CA TYR A 317 3.71 3.77 -39.04
C TYR A 317 4.69 4.65 -39.78
N MET A 318 5.29 4.12 -40.84
CA MET A 318 6.32 4.84 -41.57
C MET A 318 5.92 5.04 -43.02
N THR A 319 6.31 6.18 -43.58
CA THR A 319 6.20 6.45 -45.01
C THR A 319 7.59 6.88 -45.47
N GLY A 320 8.09 6.26 -46.52
CA GLY A 320 9.39 6.61 -47.05
C GLY A 320 9.53 6.47 -48.53
N ILE A 321 10.67 5.94 -48.95
CA ILE A 321 11.10 5.81 -50.34
C ILE A 321 11.91 4.52 -50.44
N LYS A 322 11.51 3.65 -51.38
CA LYS A 322 12.26 2.43 -51.63
C LYS A 322 12.48 2.35 -53.14
N ASN A 323 13.73 2.55 -53.56
CA ASN A 323 14.08 2.61 -54.97
C ASN A 323 13.15 3.58 -55.70
N ASN A 324 13.05 4.79 -55.15
CA ASN A 324 12.33 5.91 -55.77
C ASN A 324 10.85 5.61 -56.04
N GLN A 325 10.23 4.87 -55.13
CA GLN A 325 8.79 4.69 -55.16
C GLN A 325 8.23 4.95 -53.75
N ASP A 326 7.16 5.75 -53.65
CA ASP A 326 6.57 6.00 -52.33
C ASP A 326 6.04 4.69 -51.75
N LYS A 327 6.32 4.46 -50.47
CA LYS A 327 5.89 3.27 -49.77
C LYS A 327 5.49 3.68 -48.37
N THR A 328 4.51 2.98 -47.80
CA THR A 328 4.17 3.18 -46.40
C THR A 328 4.09 1.82 -45.71
N LEU A 329 4.60 1.77 -44.49
CA LEU A 329 4.71 0.54 -43.74
C LEU A 329 4.08 0.71 -42.36
N TYR A 330 3.53 -0.40 -41.85
CA TYR A 330 2.90 -0.40 -40.54
C TYR A 330 3.28 -1.72 -39.87
N ILE A 331 4.26 -1.67 -38.97
CA ILE A 331 4.66 -2.83 -38.19
C ILE A 331 4.06 -2.66 -36.81
N TYR A 332 3.42 -3.71 -36.31
CA TYR A 332 2.70 -3.55 -35.05
C TYR A 332 2.59 -4.90 -34.36
N ASN A 333 2.29 -4.85 -33.07
CA ASN A 333 2.08 -6.03 -32.25
C ASN A 333 0.78 -5.88 -31.50
N VAL A 334 0.02 -6.97 -31.44
CA VAL A 334 -1.20 -7.04 -30.66
C VAL A 334 -1.02 -8.08 -29.57
N CYS A 335 -1.47 -7.76 -28.35
CA CYS A 335 -1.30 -8.64 -27.22
C CYS A 335 -2.59 -8.70 -26.41
N ASP A 336 -2.93 -9.89 -25.91
CA ASP A 336 -4.18 -10.13 -25.19
C ASP A 336 -3.88 -10.19 -23.70
N HIS A 337 -4.47 -9.24 -22.95
CA HIS A 337 -4.23 -9.16 -21.51
C HIS A 337 -4.48 -10.49 -20.81
N LYS A 338 -5.65 -11.08 -21.05
CA LYS A 338 -5.98 -12.32 -20.34
C LYS A 338 -5.09 -13.46 -20.80
N LYS A 339 -4.67 -13.46 -22.06
CA LYS A 339 -3.75 -14.50 -22.50
C LYS A 339 -2.42 -14.38 -21.77
N CYS A 340 -1.96 -13.15 -21.51
CA CYS A 340 -0.73 -12.97 -20.74
C CYS A 340 -0.89 -13.50 -19.33
N TYR A 341 -1.99 -13.15 -18.66
CA TYR A 341 -2.21 -13.57 -17.28
C TYR A 341 -2.21 -15.09 -17.18
N GLU A 342 -2.81 -15.77 -18.17
CA GLU A 342 -2.84 -17.23 -18.14
C GLU A 342 -1.45 -17.84 -18.32
N GLU A 343 -0.55 -17.15 -19.01
CA GLU A 343 0.78 -17.69 -19.26
C GLU A 343 1.74 -17.41 -18.11
N VAL A 344 1.89 -16.14 -17.73
CA VAL A 344 2.87 -15.73 -16.74
C VAL A 344 2.28 -15.04 -15.53
N GLY A 345 1.05 -14.55 -15.59
CA GLY A 345 0.40 -13.97 -14.44
C GLY A 345 0.43 -12.46 -14.38
N SER A 346 0.86 -11.81 -15.45
CA SER A 346 0.92 -10.36 -15.51
C SER A 346 0.05 -9.92 -16.68
N GLN A 347 -0.27 -8.63 -16.72
CA GLN A 347 -1.08 -8.15 -17.83
C GLN A 347 -0.17 -7.73 -18.99
N ALA A 348 -0.79 -7.34 -20.11
CA ALA A 348 -0.05 -7.15 -21.36
C ALA A 348 0.89 -5.95 -21.34
N ILE A 349 0.63 -4.94 -20.50
CA ILE A 349 1.55 -3.81 -20.41
C ILE A 349 2.88 -4.25 -19.81
N SER A 350 2.84 -5.12 -18.81
CA SER A 350 4.09 -5.66 -18.28
C SER A 350 4.66 -6.74 -19.18
N TYR A 351 3.82 -7.40 -19.97
CA TYR A 351 4.28 -8.45 -20.87
C TYR A 351 5.05 -7.87 -22.05
N THR A 352 4.50 -6.83 -22.68
CA THR A 352 5.18 -6.23 -23.82
C THR A 352 6.46 -5.51 -23.40
N THR A 353 6.58 -5.11 -22.14
CA THR A 353 7.83 -4.47 -21.74
C THR A 353 8.89 -5.46 -21.32
N GLY A 354 8.52 -6.58 -20.74
CA GLY A 354 9.52 -7.45 -20.18
C GLY A 354 10.01 -8.53 -21.12
N VAL A 355 9.20 -8.91 -22.10
CA VAL A 355 9.63 -9.97 -22.98
C VAL A 355 10.82 -9.48 -23.81
N PRO A 356 10.80 -8.25 -24.35
CA PRO A 356 12.01 -7.80 -25.07
C PRO A 356 13.26 -7.81 -24.21
N ALA A 357 13.11 -7.38 -22.95
CA ALA A 357 14.23 -7.37 -21.99
C ALA A 357 14.88 -8.75 -21.88
N MET A 358 14.05 -9.80 -21.77
CA MET A 358 14.61 -11.15 -21.71
C MET A 358 15.26 -11.54 -23.02
N CYS A 359 14.67 -11.12 -24.14
CA CYS A 359 15.28 -11.37 -25.44
C CYS A 359 16.59 -10.63 -25.59
N ALA A 360 16.63 -9.36 -25.17
CA ALA A 360 17.89 -8.62 -25.18
C ALA A 360 18.94 -9.32 -24.32
N ALA A 361 18.53 -9.86 -23.17
CA ALA A 361 19.47 -10.64 -22.38
C ALA A 361 19.95 -11.87 -23.15
N LYS A 362 19.04 -12.54 -23.86
CA LYS A 362 19.44 -13.69 -24.66
C LYS A 362 20.40 -13.30 -25.78
N MET A 363 20.21 -12.11 -26.39
CA MET A 363 21.12 -11.71 -27.46
C MET A 363 22.52 -11.48 -26.93
N ILE A 364 22.66 -11.26 -25.62
CA ILE A 364 23.97 -11.00 -25.05
C ILE A 364 24.60 -12.28 -24.54
N CYS A 365 23.80 -13.21 -24.05
CA CYS A 365 24.33 -14.44 -23.50
C CYS A 365 24.75 -15.44 -24.57
N ASN A 366 24.05 -15.50 -25.70
CA ASN A 366 24.51 -16.37 -26.79
C ASN A 366 25.41 -15.61 -27.76
N ASP A 367 25.78 -14.38 -27.43
CA ASP A 367 26.79 -13.56 -28.11
C ASP A 367 26.35 -12.99 -29.44
N THR A 368 25.05 -13.01 -29.75
CA THR A 368 24.57 -12.27 -30.90
C THR A 368 24.96 -10.80 -30.77
N TRP A 369 24.69 -10.21 -29.62
CA TRP A 369 25.15 -8.87 -29.28
C TRP A 369 26.40 -9.01 -28.41
N SER A 370 27.52 -8.48 -28.88
CA SER A 370 28.79 -8.66 -28.18
C SER A 370 29.54 -7.34 -28.14
N ALA A 371 30.47 -7.25 -27.18
CA ALA A 371 31.36 -6.11 -27.04
C ALA A 371 32.72 -6.34 -27.68
N ASP A 372 32.99 -7.54 -28.17
CA ASP A 372 34.25 -7.84 -28.78
C ASP A 372 34.38 -7.13 -30.14
N HIS A 373 35.63 -6.86 -30.51
CA HIS A 373 35.97 -6.33 -31.82
C HIS A 373 35.30 -4.97 -32.08
N PHE A 374 35.68 -3.99 -31.28
CA PHE A 374 35.13 -2.63 -31.27
C PHE A 374 33.62 -2.52 -31.07
N ARG A 375 32.94 -3.62 -30.81
CA ARG A 375 31.49 -3.57 -30.72
C ARG A 375 30.97 -3.07 -29.37
N ALA A 376 31.75 -2.35 -28.57
CA ALA A 376 31.35 -2.07 -27.20
C ALA A 376 31.01 -0.60 -27.00
N GLY A 377 30.44 -0.32 -25.83
CA GLY A 377 29.95 1.00 -25.51
C GLY A 377 28.49 0.92 -25.11
N VAL A 378 27.80 2.05 -25.13
CA VAL A 378 26.39 2.16 -24.73
C VAL A 378 25.54 2.39 -25.97
N PHE A 379 24.51 1.56 -26.16
CA PHE A 379 23.74 1.56 -27.40
C PHE A 379 22.23 1.58 -27.16
N ASN A 380 21.53 2.10 -28.16
CA ASN A 380 20.09 1.94 -28.29
C ASN A 380 19.78 0.81 -29.26
N ILE A 381 18.56 0.28 -29.16
CA ILE A 381 18.25 -0.96 -29.85
C ILE A 381 18.35 -0.79 -31.36
N GLU A 382 18.16 0.42 -31.87
CA GLU A 382 18.22 0.57 -33.32
C GLU A 382 19.66 0.62 -33.84
N GLU A 383 20.64 0.63 -32.93
CA GLU A 383 22.05 0.62 -33.28
C GLU A 383 22.64 -0.78 -33.28
N LEU A 384 21.84 -1.79 -33.01
CA LEU A 384 22.29 -3.17 -32.89
C LEU A 384 21.73 -4.00 -34.04
N ASN A 385 22.20 -5.24 -34.12
CA ASN A 385 21.71 -6.19 -35.12
C ASN A 385 20.35 -6.68 -34.65
N THR A 386 19.29 -6.12 -35.22
CA THR A 386 17.94 -6.42 -34.78
C THR A 386 17.38 -7.70 -35.40
N ASP A 387 18.05 -8.25 -36.41
CA ASP A 387 17.48 -9.40 -37.11
C ASP A 387 17.26 -10.59 -36.19
N PRO A 388 18.24 -11.02 -35.37
CA PRO A 388 17.96 -12.13 -34.44
C PRO A 388 17.08 -11.70 -33.28
N PHE A 389 17.00 -10.40 -33.05
CA PHE A 389 16.14 -9.86 -32.01
C PHE A 389 14.69 -10.06 -32.40
N MET A 390 14.35 -9.70 -33.62
CA MET A 390 12.99 -9.87 -34.11
C MET A 390 12.59 -11.33 -34.19
N GLU A 391 13.51 -12.20 -34.62
CA GLU A 391 13.21 -13.62 -34.66
C GLU A 391 12.91 -14.14 -33.27
N GLU A 392 13.63 -13.61 -32.27
CA GLU A 392 13.43 -14.04 -30.89
C GLU A 392 12.10 -13.52 -30.35
N LEU A 393 11.73 -12.29 -30.70
CA LEU A 393 10.46 -11.74 -30.23
C LEU A 393 9.30 -12.60 -30.67
N ILE A 394 9.36 -13.12 -31.90
CA ILE A 394 8.30 -13.99 -32.39
C ILE A 394 8.25 -15.27 -31.55
N LYS A 395 9.42 -15.86 -31.29
CA LYS A 395 9.48 -17.10 -30.53
C LYS A 395 8.95 -16.92 -29.12
N GLN A 396 9.22 -15.77 -28.53
CA GLN A 396 8.97 -15.55 -27.11
C GLN A 396 7.59 -15.00 -26.81
N GLY A 397 6.77 -14.75 -27.81
CA GLY A 397 5.39 -14.39 -27.54
C GLY A 397 4.99 -13.03 -28.08
N LEU A 398 5.83 -12.30 -28.79
CA LEU A 398 5.45 -11.00 -29.35
C LEU A 398 5.61 -10.97 -30.87
N PRO A 399 4.86 -11.80 -31.59
CA PRO A 399 4.95 -11.73 -33.05
C PRO A 399 4.29 -10.48 -33.54
N TYR A 400 4.82 -9.94 -34.62
CA TYR A 400 4.33 -8.71 -35.20
C TYR A 400 3.65 -8.97 -36.51
N GLU A 401 3.02 -7.92 -37.01
CA GLU A 401 2.33 -7.95 -38.27
C GLU A 401 2.84 -6.78 -39.07
N VAL A 402 3.04 -7.01 -40.37
CA VAL A 402 3.49 -5.98 -41.29
C VAL A 402 2.33 -5.73 -42.25
N ILE A 403 2.18 -4.48 -42.68
CA ILE A 403 1.09 -4.11 -43.58
C ILE A 403 1.57 -3.05 -44.58
N GLU A 404 1.67 -3.43 -45.85
CA GLU A 404 2.06 -2.51 -46.93
C GLU A 404 1.06 -2.52 -48.12
N HIS B 8 -32.74 45.34 23.13
CA HIS B 8 -32.66 43.95 23.59
C HIS B 8 -31.32 43.25 23.35
N THR B 9 -31.17 42.06 23.95
CA THR B 9 -29.93 41.29 23.91
C THR B 9 -30.22 39.85 23.47
N VAL B 10 -29.43 39.33 22.52
CA VAL B 10 -29.58 37.96 22.02
C VAL B 10 -28.25 37.23 22.03
N LEU B 11 -28.32 35.93 22.25
CA LEU B 11 -27.16 35.04 22.30
C LEU B 11 -27.15 34.14 21.06
N GLN B 12 -26.08 34.22 20.27
CA GLN B 12 -25.95 33.42 19.05
C GLN B 12 -24.82 32.42 19.21
N ILE B 13 -25.09 31.15 18.93
CA ILE B 13 -24.11 30.09 19.09
C ILE B 13 -23.74 29.56 17.72
N GLY B 14 -22.57 29.97 17.23
CA GLY B 14 -22.08 29.54 15.94
C GLY B 14 -21.51 30.71 15.16
N ALA B 15 -20.33 30.54 14.60
CA ALA B 15 -19.66 31.63 13.90
C ALA B 15 -19.17 31.18 12.53
N GLY B 16 -19.96 30.35 11.86
CA GLY B 16 -19.61 29.89 10.53
C GLY B 16 -20.14 30.83 9.48
N GLY B 17 -20.30 30.30 8.27
CA GLY B 17 -20.77 31.14 7.18
C GLY B 17 -22.16 31.68 7.43
N VAL B 18 -23.08 30.79 7.85
CA VAL B 18 -24.44 31.20 8.13
C VAL B 18 -24.48 32.07 9.39
N GLY B 19 -23.65 31.75 10.37
CA GLY B 19 -23.63 32.52 11.60
C GLY B 19 -23.15 33.94 11.40
N SER B 20 -22.27 34.17 10.43
CA SER B 20 -21.81 35.54 10.21
C SER B 20 -22.91 36.40 9.62
N VAL B 21 -23.78 35.81 8.80
CA VAL B 21 -24.91 36.56 8.26
C VAL B 21 -25.86 36.95 9.38
N VAL B 22 -26.13 36.03 10.31
CA VAL B 22 -27.05 36.32 11.40
C VAL B 22 -26.51 37.44 12.26
N ALA B 23 -25.22 37.38 12.60
CA ALA B 23 -24.61 38.43 13.41
C ALA B 23 -24.58 39.75 12.65
N HIS B 24 -24.12 39.73 11.40
CA HIS B 24 -24.07 40.95 10.58
C HIS B 24 -25.45 41.57 10.41
N LYS B 25 -26.42 40.80 9.94
CA LYS B 25 -27.77 41.33 9.74
C LYS B 25 -28.38 41.79 11.06
N MET B 26 -28.06 41.10 12.16
CA MET B 26 -28.52 41.53 13.47
C MET B 26 -27.94 42.89 13.81
N GLY B 27 -26.69 43.13 13.43
CA GLY B 27 -26.05 44.42 13.65
C GLY B 27 -26.58 45.53 12.77
N MET B 28 -27.36 45.19 11.74
CA MET B 28 -28.02 46.17 10.91
C MET B 28 -29.32 46.66 11.52
N ASN B 29 -29.87 45.90 12.47
CA ASN B 29 -31.11 46.25 13.13
C ASN B 29 -30.84 46.55 14.59
N ARG B 30 -30.09 47.62 14.84
CA ARG B 30 -29.68 47.91 16.21
C ARG B 30 -30.79 48.58 17.03
N ASP B 31 -31.94 48.86 16.44
CA ASP B 31 -33.09 49.33 17.20
C ASP B 31 -33.80 48.20 17.95
N VAL B 32 -33.58 46.97 17.51
CA VAL B 32 -34.14 45.78 18.16
C VAL B 32 -33.09 45.03 18.97
N PHE B 33 -31.90 44.84 18.40
CA PHE B 33 -30.82 44.07 19.02
C PHE B 33 -29.81 45.07 19.56
N LYS B 34 -29.96 45.43 20.85
CA LYS B 34 -29.02 46.39 21.43
C LYS B 34 -27.66 45.75 21.70
N ASN B 35 -27.63 44.62 22.41
CA ASN B 35 -26.40 43.90 22.70
C ASN B 35 -26.44 42.52 22.02
N ILE B 36 -25.41 42.20 21.24
CA ILE B 36 -25.33 40.94 20.49
C ILE B 36 -24.10 40.17 20.97
N ILE B 37 -24.31 38.93 21.43
CA ILE B 37 -23.24 38.10 21.94
C ILE B 37 -23.10 36.84 21.09
N LEU B 38 -21.87 36.55 20.67
CA LEU B 38 -21.51 35.38 19.87
C LEU B 38 -20.63 34.44 20.68
N ALA B 39 -20.91 33.14 20.60
CA ALA B 39 -20.09 32.15 21.27
C ALA B 39 -19.85 30.97 20.33
N SER B 40 -18.64 30.41 20.36
CA SER B 40 -18.32 29.27 19.51
C SER B 40 -17.12 28.54 20.08
N ARG B 41 -16.86 27.35 19.54
CA ARG B 41 -15.64 26.64 19.92
C ARG B 41 -14.42 27.33 19.35
N SER B 42 -14.55 27.94 18.18
CA SER B 42 -13.43 28.61 17.53
C SER B 42 -13.56 30.11 17.83
N LEU B 43 -12.77 30.56 18.80
CA LEU B 43 -12.76 31.98 19.16
C LEU B 43 -12.27 32.85 18.01
N ASP B 44 -11.34 32.34 17.19
CA ASP B 44 -10.79 33.13 16.08
C ASP B 44 -11.89 33.59 15.14
N LYS B 45 -12.81 32.67 14.78
CA LYS B 45 -13.89 33.03 13.87
C LYS B 45 -14.78 34.10 14.47
N CYS B 46 -14.99 34.07 15.80
CA CYS B 46 -15.82 35.07 16.45
C CYS B 46 -15.22 36.47 16.31
N TYR B 47 -13.93 36.62 16.66
CA TYR B 47 -13.30 37.92 16.54
C TYR B 47 -13.27 38.40 15.10
N ALA B 48 -13.17 37.48 14.14
CA ALA B 48 -13.23 37.86 12.74
C ALA B 48 -14.58 38.48 12.39
N ILE B 49 -15.67 37.88 12.89
CA ILE B 49 -17.00 38.45 12.68
C ILE B 49 -17.11 39.79 13.38
N LYS B 50 -16.57 39.87 14.60
CA LYS B 50 -16.54 41.15 15.32
C LYS B 50 -15.85 42.22 14.49
N GLU B 51 -14.68 41.89 13.91
CA GLU B 51 -13.91 42.85 13.12
C GLU B 51 -14.69 43.37 11.92
N SER B 52 -15.27 42.46 11.13
CA SER B 52 -16.01 42.88 9.93
C SER B 52 -17.16 43.81 10.29
N MET B 53 -17.94 43.44 11.31
CA MET B 53 -19.02 44.31 11.75
C MET B 53 -18.50 45.64 12.26
N LEU B 54 -17.39 45.61 13.00
CA LEU B 54 -16.76 46.86 13.43
C LEU B 54 -16.26 47.65 12.23
N LYS B 55 -15.65 46.97 11.25
CA LYS B 55 -15.19 47.64 10.04
C LYS B 55 -16.35 48.23 9.26
N LYS B 56 -17.51 47.57 9.27
CA LYS B 56 -18.68 48.06 8.55
C LYS B 56 -19.52 49.02 9.39
N GLY B 57 -19.05 49.38 10.59
CA GLY B 57 -19.74 50.34 11.44
C GLY B 57 -21.09 49.91 11.94
N LEU B 58 -21.23 48.65 12.34
CA LEU B 58 -22.49 48.13 12.85
C LEU B 58 -22.46 47.93 14.36
N GLY B 59 -21.36 48.30 15.01
CA GLY B 59 -21.23 48.22 16.44
C GLY B 59 -20.32 47.10 16.87
N GLU B 60 -20.28 46.88 18.18
CA GLU B 60 -19.46 45.83 18.77
C GLU B 60 -20.34 44.63 19.12
N ILE B 61 -19.71 43.46 19.18
CA ILE B 61 -20.41 42.24 19.58
C ILE B 61 -19.66 41.64 20.76
N GLY B 62 -20.39 40.84 21.53
CA GLY B 62 -19.80 40.16 22.66
C GLY B 62 -19.32 38.79 22.21
N VAL B 63 -18.13 38.43 22.65
CA VAL B 63 -17.46 37.23 22.18
C VAL B 63 -17.16 36.32 23.36
N GLU B 64 -17.52 35.04 23.22
CA GLU B 64 -17.32 34.05 24.26
C GLU B 64 -16.95 32.71 23.62
N GLN B 65 -16.23 31.89 24.38
CA GLN B 65 -15.90 30.54 23.96
C GLN B 65 -16.83 29.58 24.69
N VAL B 66 -17.27 28.52 24.03
CA VAL B 66 -18.22 27.61 24.64
C VAL B 66 -18.14 26.25 23.94
N ASP B 67 -18.30 25.19 24.74
CA ASP B 67 -18.43 23.82 24.26
C ASP B 67 -19.92 23.49 24.21
N ALA B 68 -20.50 23.50 23.00
CA ALA B 68 -21.94 23.30 22.88
C ALA B 68 -22.35 21.85 23.08
N ASP B 69 -21.41 20.94 23.33
CA ASP B 69 -21.77 19.60 23.79
C ASP B 69 -22.01 19.55 25.28
N ASP B 70 -21.62 20.59 26.00
CA ASP B 70 -21.71 20.65 27.45
C ASP B 70 -22.90 21.53 27.81
N THR B 71 -24.01 20.90 28.22
CA THR B 71 -25.19 21.68 28.56
C THR B 71 -24.91 22.64 29.70
N GLN B 72 -24.12 22.18 30.70
CA GLN B 72 -23.87 23.01 31.88
C GLN B 72 -23.05 24.24 31.53
N ALA B 73 -22.18 24.18 30.53
CA ALA B 73 -21.45 25.37 30.14
C ALA B 73 -22.36 26.35 29.43
N LEU B 74 -23.29 25.82 28.63
CA LEU B 74 -24.26 26.65 27.93
C LEU B 74 -25.21 27.31 28.91
N VAL B 75 -25.65 26.57 29.94
CA VAL B 75 -26.55 27.14 30.93
C VAL B 75 -25.89 28.31 31.64
N ALA B 76 -24.63 28.12 32.04
CA ALA B 76 -23.91 29.21 32.71
C ALA B 76 -23.71 30.39 31.77
N LEU B 77 -23.50 30.11 30.48
CA LEU B 77 -23.39 31.18 29.50
C LEU B 77 -24.70 31.92 29.35
N ILE B 78 -25.82 31.20 29.29
CA ILE B 78 -27.10 31.87 29.14
C ILE B 78 -27.41 32.68 30.38
N GLN B 79 -27.13 32.13 31.56
CA GLN B 79 -27.40 32.83 32.79
C GLN B 79 -26.52 34.07 32.91
N LYS B 80 -25.31 34.03 32.35
CA LYS B 80 -24.41 35.18 32.44
C LYS B 80 -25.00 36.38 31.73
N TYR B 81 -25.45 36.19 30.49
CA TYR B 81 -25.94 37.31 29.70
C TYR B 81 -27.45 37.49 29.79
N LYS B 82 -28.19 36.47 30.23
CA LYS B 82 -29.63 36.51 30.37
C LYS B 82 -30.31 36.99 29.08
N PRO B 83 -30.14 36.25 27.98
CA PRO B 83 -30.69 36.69 26.70
C PRO B 83 -32.17 36.37 26.59
N LYS B 84 -32.83 37.09 25.67
CA LYS B 84 -34.25 36.85 25.42
C LYS B 84 -34.47 35.65 24.53
N VAL B 85 -33.58 35.43 23.54
CA VAL B 85 -33.63 34.26 22.67
C VAL B 85 -32.21 33.83 22.34
N VAL B 86 -32.03 32.52 22.15
CA VAL B 86 -30.76 31.95 21.75
C VAL B 86 -30.90 31.42 20.34
N ILE B 87 -29.99 31.81 19.45
CA ILE B 87 -30.02 31.36 18.06
C ILE B 87 -28.98 30.27 17.92
N ASN B 88 -29.42 29.11 17.45
CA ASN B 88 -28.53 27.96 17.24
C ASN B 88 -28.17 27.94 15.76
N VAL B 89 -26.94 28.35 15.45
CA VAL B 89 -26.41 28.27 14.09
C VAL B 89 -25.13 27.42 14.12
N ALA B 90 -25.08 26.50 15.07
CA ALA B 90 -23.92 25.63 15.28
C ALA B 90 -24.08 24.28 14.58
N LEU B 91 -23.42 23.27 15.12
CA LEU B 91 -23.48 21.92 14.57
C LEU B 91 -24.84 21.28 14.82
N PRO B 92 -25.28 20.40 13.93
CA PRO B 92 -26.62 19.80 14.06
C PRO B 92 -26.70 18.72 15.12
N TYR B 93 -25.55 18.27 15.65
CA TYR B 93 -25.55 17.30 16.73
C TYR B 93 -25.60 17.96 18.09
N GLN B 94 -25.43 19.27 18.15
CA GLN B 94 -25.53 20.04 19.38
C GLN B 94 -26.88 20.70 19.55
N ASP B 95 -27.81 20.46 18.61
CA ASP B 95 -29.14 21.07 18.71
C ASP B 95 -29.89 20.60 19.94
N LEU B 96 -29.73 19.33 20.32
CA LEU B 96 -30.44 18.82 21.48
C LEU B 96 -29.82 19.25 22.80
N THR B 97 -28.51 19.50 22.85
CA THR B 97 -27.96 19.99 24.10
C THR B 97 -28.22 21.49 24.25
N ILE B 98 -28.34 22.21 23.14
CA ILE B 98 -28.68 23.62 23.22
C ILE B 98 -30.16 23.80 23.54
N MET B 99 -31.00 22.92 22.99
CA MET B 99 -32.43 22.96 23.29
C MET B 99 -32.69 22.64 24.75
N GLN B 100 -31.93 21.70 25.30
CA GLN B 100 -32.09 21.36 26.71
C GLN B 100 -31.62 22.51 27.59
N ALA B 101 -30.52 23.16 27.21
CA ALA B 101 -30.07 24.31 27.99
C ALA B 101 -31.10 25.43 27.96
N CYS B 102 -31.67 25.71 26.80
CA CYS B 102 -32.74 26.71 26.75
C CYS B 102 -33.90 26.34 27.65
N LEU B 103 -34.29 25.06 27.66
CA LEU B 103 -35.36 24.64 28.55
C LEU B 103 -34.99 24.86 30.00
N GLU B 104 -33.80 24.42 30.39
CA GLU B 104 -33.40 24.54 31.79
C GLU B 104 -33.33 25.99 32.22
N THR B 105 -32.92 26.85 31.31
CA THR B 105 -32.75 28.26 31.60
C THR B 105 -33.97 29.09 31.25
N LYS B 106 -35.05 28.45 30.77
CA LYS B 106 -36.28 29.11 30.35
C LYS B 106 -36.02 30.28 29.40
N THR B 107 -35.32 29.97 28.31
CA THR B 107 -35.00 30.94 27.27
C THR B 107 -35.51 30.41 25.93
N HIS B 108 -35.79 31.32 25.01
CA HIS B 108 -36.35 30.93 23.72
C HIS B 108 -35.26 30.47 22.76
N TYR B 109 -35.66 29.56 21.87
CA TYR B 109 -34.73 28.82 21.04
C TYR B 109 -35.13 28.92 19.57
N ILE B 110 -34.11 29.05 18.73
CA ILE B 110 -34.26 29.09 17.28
C ILE B 110 -33.11 28.27 16.72
N ASP B 111 -33.39 27.42 15.74
CA ASP B 111 -32.28 26.84 15.02
C ASP B 111 -32.51 26.97 13.53
N THR B 112 -31.40 26.88 12.82
CA THR B 112 -31.32 26.94 11.38
C THR B 112 -30.28 25.94 10.94
N ALA B 113 -30.33 25.56 9.67
CA ALA B 113 -29.29 24.77 9.03
C ALA B 113 -28.96 23.49 9.81
N ASN B 114 -29.95 22.61 9.98
CA ASN B 114 -29.75 21.33 10.66
C ASN B 114 -29.46 20.23 9.62
N TYR B 115 -28.19 19.89 9.46
CA TYR B 115 -27.74 18.91 8.48
C TYR B 115 -26.76 17.89 9.06
N LYS B 122 -30.30 10.01 7.61
CA LYS B 122 -31.74 10.30 7.51
C LYS B 122 -32.23 11.15 8.69
N PHE B 123 -32.39 12.44 8.42
CA PHE B 123 -32.79 13.41 9.43
C PHE B 123 -34.23 13.19 9.86
N GLU B 124 -34.50 13.45 11.13
CA GLU B 124 -35.84 13.34 11.69
C GLU B 124 -36.12 14.52 12.61
N TYR B 125 -37.40 14.86 12.71
CA TYR B 125 -37.80 15.88 13.67
C TYR B 125 -38.19 15.30 15.02
N LYS B 126 -38.18 13.97 15.14
CA LYS B 126 -38.65 13.29 16.34
C LYS B 126 -38.12 13.92 17.62
N GLU B 127 -36.80 13.86 17.80
CA GLU B 127 -36.17 14.27 19.06
C GLU B 127 -36.25 15.77 19.29
N GLN B 128 -36.30 16.58 18.24
CA GLN B 128 -36.48 18.01 18.48
C GLN B 128 -37.93 18.30 18.85
N TRP B 129 -38.87 17.59 18.24
CA TRP B 129 -40.28 17.81 18.57
C TRP B 129 -40.61 17.29 19.94
N ALA B 130 -39.85 16.31 20.43
CA ALA B 130 -40.18 15.69 21.71
C ALA B 130 -40.00 16.64 22.89
N PHE B 131 -39.47 17.84 22.63
CA PHE B 131 -39.33 18.89 23.61
C PHE B 131 -40.59 19.75 23.72
N ASP B 132 -41.65 19.44 22.97
CA ASP B 132 -42.83 20.30 22.98
C ASP B 132 -43.43 20.39 24.37
N ARG B 133 -43.80 19.24 24.94
CA ARG B 133 -44.43 19.24 26.25
C ARG B 133 -43.54 19.93 27.28
N ALA B 134 -42.24 19.64 27.26
CA ALA B 134 -41.34 20.33 28.17
C ALA B 134 -41.32 21.82 27.90
N TYR B 135 -41.27 22.20 26.63
CA TYR B 135 -41.26 23.62 26.29
C TYR B 135 -42.58 24.29 26.64
N LYS B 136 -43.71 23.58 26.46
CA LYS B 136 -45.01 24.10 26.85
C LYS B 136 -45.08 24.31 28.36
N GLU B 137 -44.71 23.28 29.14
CA GLU B 137 -44.77 23.35 30.60
C GLU B 137 -43.87 24.44 31.15
N ALA B 138 -42.83 24.82 30.41
CA ALA B 138 -41.92 25.88 30.80
C ALA B 138 -42.25 27.23 30.19
N ARG B 139 -43.32 27.32 29.39
CA ARG B 139 -43.78 28.60 28.85
C ARG B 139 -42.72 29.27 27.98
N ILE B 140 -42.08 28.51 27.08
CA ILE B 140 -41.14 29.06 26.10
C ILE B 140 -41.45 28.53 24.70
N LEU B 141 -40.76 29.12 23.73
CA LEU B 141 -40.95 28.86 22.31
C LEU B 141 -39.71 28.20 21.70
N GLY B 142 -39.95 27.28 20.77
CA GLY B 142 -38.85 26.63 20.06
C GLY B 142 -39.13 26.62 18.57
N VAL B 143 -38.48 27.52 17.84
CA VAL B 143 -38.72 27.63 16.40
C VAL B 143 -37.67 26.80 15.67
N LEU B 144 -38.13 25.77 14.96
CA LEU B 144 -37.24 24.83 14.29
C LEU B 144 -37.11 25.21 12.83
N GLY B 145 -35.88 25.13 12.33
CA GLY B 145 -35.63 25.36 10.92
C GLY B 145 -35.98 26.75 10.43
N ALA B 146 -35.36 27.77 11.02
CA ALA B 146 -35.58 29.14 10.57
C ALA B 146 -34.57 29.56 9.52
N GLY B 147 -34.28 28.69 8.57
CA GLY B 147 -33.42 29.03 7.45
C GLY B 147 -34.25 29.38 6.24
N PHE B 148 -33.78 28.95 5.08
CA PHE B 148 -34.62 29.12 3.89
C PHE B 148 -35.35 27.84 3.53
N ASP B 149 -34.62 26.75 3.37
CA ASP B 149 -35.20 25.43 3.12
C ASP B 149 -34.58 24.42 4.07
N PRO B 150 -35.21 24.14 5.23
CA PRO B 150 -36.52 24.64 5.61
C PRO B 150 -36.48 26.03 6.25
N GLY B 151 -37.64 26.68 6.28
CA GLY B 151 -37.77 28.01 6.84
C GLY B 151 -38.68 28.88 6.00
N VAL B 152 -38.09 29.72 5.15
CA VAL B 152 -38.89 30.58 4.30
C VAL B 152 -39.79 29.78 3.38
N THR B 153 -39.31 28.62 2.92
CA THR B 153 -40.19 27.78 2.11
C THR B 153 -41.40 27.33 2.91
N ASN B 154 -41.23 27.06 4.20
CA ASN B 154 -42.38 26.74 5.05
C ASN B 154 -43.32 27.92 5.13
N ALA B 155 -42.77 29.13 5.26
CA ALA B 155 -43.59 30.31 5.24
C ALA B 155 -44.31 30.46 3.92
N TYR B 156 -43.61 30.21 2.80
CA TYR B 156 -44.25 30.32 1.49
C TYR B 156 -45.49 29.42 1.41
N VAL B 157 -45.38 28.18 1.90
CA VAL B 157 -46.53 27.29 1.84
C VAL B 157 -47.63 27.78 2.77
N ALA B 158 -47.26 28.22 3.97
CA ALA B 158 -48.26 28.76 4.90
C ALA B 158 -48.87 30.05 4.35
N HIS B 159 -48.06 30.88 3.71
CA HIS B 159 -48.54 32.14 3.17
C HIS B 159 -49.52 31.91 2.04
N ALA B 160 -49.36 30.80 1.32
CA ALA B 160 -50.29 30.44 0.26
C ALA B 160 -51.53 29.72 0.79
N GLN B 161 -51.45 29.06 1.95
CA GLN B 161 -52.64 28.41 2.47
C GLN B 161 -53.69 29.43 2.88
N ARG B 162 -53.24 30.59 3.37
CA ARG B 162 -54.15 31.57 3.94
C ARG B 162 -54.45 32.76 3.04
N HIS B 163 -53.66 32.99 1.99
CA HIS B 163 -53.87 34.15 1.13
C HIS B 163 -54.09 33.81 -0.33
N HIS B 164 -53.87 32.56 -0.74
CA HIS B 164 -53.92 32.23 -2.16
C HIS B 164 -54.66 30.94 -2.48
N PHE B 165 -55.03 30.12 -1.49
CA PHE B 165 -55.65 28.84 -1.76
C PHE B 165 -56.71 28.55 -0.72
N ASP B 166 -57.67 27.71 -1.11
CA ASP B 166 -58.58 27.05 -0.19
C ASP B 166 -58.12 25.63 0.15
N THR B 167 -57.61 24.91 -0.85
CA THR B 167 -57.06 23.59 -0.65
C THR B 167 -55.80 23.43 -1.50
N ILE B 168 -54.76 22.84 -0.94
CA ILE B 168 -53.50 22.58 -1.62
C ILE B 168 -53.39 21.08 -1.89
N HIS B 169 -53.18 20.71 -3.16
CA HIS B 169 -53.12 19.32 -3.59
C HIS B 169 -51.68 18.82 -3.70
N THR B 170 -50.82 19.61 -4.33
CA THR B 170 -49.44 19.23 -4.55
C THR B 170 -48.52 20.37 -4.16
N LEU B 171 -47.30 20.01 -3.75
CA LEU B 171 -46.27 21.00 -3.44
C LEU B 171 -44.91 20.52 -3.90
N ASP B 172 -44.18 21.36 -4.64
CA ASP B 172 -42.82 21.07 -5.06
C ASP B 172 -41.92 22.21 -4.61
N ILE B 173 -40.91 21.89 -3.79
CA ILE B 173 -39.89 22.85 -3.36
C ILE B 173 -38.68 22.68 -4.26
N LEU B 174 -38.21 23.79 -4.83
CA LEU B 174 -37.17 23.79 -5.85
C LEU B 174 -36.02 24.68 -5.41
N ASP B 175 -34.84 24.09 -5.23
CA ASP B 175 -33.65 24.83 -4.81
C ASP B 175 -32.64 24.81 -5.95
N CYS B 176 -32.22 26.00 -6.38
CA CYS B 176 -31.26 26.14 -7.45
C CYS B 176 -30.16 27.11 -7.05
N ASN B 177 -28.92 26.65 -7.13
CA ASN B 177 -27.75 27.50 -6.95
C ASN B 177 -27.02 27.56 -8.27
N ALA B 178 -27.01 28.73 -8.89
CA ALA B 178 -26.38 28.96 -10.17
C ALA B 178 -25.18 29.88 -10.03
N GLY B 179 -24.52 29.82 -8.88
CA GLY B 179 -23.37 30.68 -8.65
C GLY B 179 -22.10 30.07 -9.22
N ASP B 180 -21.18 30.95 -9.59
CA ASP B 180 -19.87 30.57 -10.11
C ASP B 180 -18.80 31.08 -9.18
N HIS B 181 -18.12 30.16 -8.50
CA HIS B 181 -17.02 30.53 -7.62
C HIS B 181 -15.70 30.70 -8.38
N LYS B 182 -15.73 30.55 -9.70
CA LYS B 182 -14.61 30.75 -10.62
C LYS B 182 -13.56 29.65 -10.49
N ARG B 183 -13.73 28.71 -9.56
CA ARG B 183 -12.82 27.58 -9.46
C ARG B 183 -13.35 26.43 -10.29
N PRO B 184 -12.51 25.46 -10.63
CA PRO B 184 -13.04 24.30 -11.36
C PRO B 184 -14.02 23.50 -10.54
N PHE B 185 -13.68 23.26 -9.28
CA PHE B 185 -14.54 22.55 -8.36
C PHE B 185 -14.26 23.02 -6.95
N ALA B 186 -15.33 23.27 -6.19
CA ALA B 186 -15.23 23.66 -4.80
C ALA B 186 -16.61 23.53 -4.19
N THR B 187 -16.65 23.27 -2.89
CA THR B 187 -17.90 23.17 -2.15
C THR B 187 -18.01 24.37 -1.20
N ASN B 188 -19.24 24.74 -0.88
CA ASN B 188 -19.55 25.77 0.09
C ASN B 188 -19.75 25.19 1.48
N PHE B 189 -19.78 23.88 1.61
CA PHE B 189 -20.00 23.23 2.88
C PHE B 189 -18.96 22.13 3.09
N ASN B 190 -19.06 21.44 4.21
CA ASN B 190 -18.22 20.27 4.44
C ASN B 190 -18.57 19.24 3.37
N PRO B 191 -17.58 18.65 2.70
CA PRO B 191 -17.89 17.70 1.63
C PRO B 191 -18.88 16.59 2.00
N GLU B 192 -19.03 16.30 3.30
CA GLU B 192 -20.01 15.30 3.72
C GLU B 192 -21.43 15.77 3.40
N ILE B 193 -21.67 17.08 3.45
CA ILE B 193 -22.94 17.61 2.95
C ILE B 193 -23.13 17.22 1.50
N ASN B 194 -22.16 17.56 0.65
CA ASN B 194 -22.23 17.22 -0.76
C ASN B 194 -22.40 15.72 -0.97
N LEU B 195 -21.66 14.91 -0.22
CA LEU B 195 -21.81 13.47 -0.36
C LEU B 195 -23.24 13.03 -0.03
N ARG B 196 -23.78 13.57 1.06
CA ARG B 196 -25.14 13.23 1.46
C ARG B 196 -26.14 13.56 0.38
N GLU B 197 -26.01 14.74 -0.22
CA GLU B 197 -26.97 15.19 -1.23
C GLU B 197 -27.07 14.22 -2.41
N VAL B 198 -25.94 13.70 -2.88
CA VAL B 198 -25.94 12.95 -4.15
C VAL B 198 -25.93 11.44 -3.95
N SER B 199 -25.80 10.97 -2.72
CA SER B 199 -25.70 9.54 -2.47
C SER B 199 -26.89 8.96 -1.72
N SER B 200 -27.70 9.78 -1.08
CA SER B 200 -28.83 9.29 -0.30
C SER B 200 -30.02 8.97 -1.19
N LYS B 201 -30.83 8.02 -0.74
CA LYS B 201 -32.01 7.67 -1.50
C LYS B 201 -32.95 8.86 -1.54
N GLY B 202 -33.65 9.02 -2.64
CA GLY B 202 -34.63 10.06 -2.71
C GLY B 202 -35.88 9.62 -1.99
N ARG B 203 -36.65 10.60 -1.49
CA ARG B 203 -37.87 10.26 -0.77
C ARG B 203 -38.88 11.37 -1.05
N TYR B 204 -40.10 10.98 -1.37
CA TYR B 204 -41.17 11.94 -1.57
C TYR B 204 -42.48 11.32 -1.10
N TYR B 205 -43.50 12.17 -0.98
CA TYR B 205 -44.80 11.77 -0.45
C TYR B 205 -45.86 11.86 -1.55
N GLU B 206 -46.65 10.79 -1.70
CA GLU B 206 -47.74 10.76 -2.67
C GLU B 206 -48.86 9.85 -2.17
N ASN B 207 -50.04 10.44 -1.99
CA ASN B 207 -51.26 9.72 -1.62
C ASN B 207 -51.08 8.86 -0.37
N GLY B 208 -50.65 9.53 0.70
CA GLY B 208 -50.59 8.91 2.01
C GLY B 208 -49.44 7.96 2.21
N LYS B 209 -48.48 7.94 1.29
CA LYS B 209 -47.34 7.04 1.42
C LYS B 209 -46.07 7.81 1.09
N TRP B 210 -44.97 7.39 1.68
CA TRP B 210 -43.65 7.92 1.37
C TRP B 210 -42.97 6.98 0.41
N ILE B 211 -42.54 7.50 -0.74
CA ILE B 211 -41.92 6.71 -1.80
C ILE B 211 -40.43 7.01 -1.80
N GLU B 212 -39.61 5.97 -1.75
CA GLU B 212 -38.16 6.13 -1.78
C GLU B 212 -37.65 5.80 -3.18
N THR B 213 -36.64 6.55 -3.64
CA THR B 213 -36.06 6.36 -4.97
C THR B 213 -34.56 6.13 -4.85
N LYS B 214 -33.94 5.82 -5.98
CA LYS B 214 -32.49 5.69 -6.06
C LYS B 214 -31.86 7.07 -6.09
N PRO B 215 -30.61 7.20 -5.66
CA PRO B 215 -29.98 8.52 -5.65
C PRO B 215 -30.02 9.20 -7.01
N LEU B 216 -30.65 10.37 -7.04
CA LEU B 216 -30.82 11.16 -8.25
C LEU B 216 -31.50 10.37 -9.37
N GLU B 217 -32.45 9.52 -8.99
CA GLU B 217 -33.17 8.71 -9.97
C GLU B 217 -34.15 9.54 -10.78
N ILE B 218 -34.78 10.53 -10.15
CA ILE B 218 -35.85 11.29 -10.79
C ILE B 218 -35.29 12.67 -11.18
N LYS B 219 -35.14 12.89 -12.48
CA LYS B 219 -34.63 14.11 -13.07
C LYS B 219 -35.77 14.86 -13.74
N GLN B 220 -35.60 16.18 -13.87
CA GLN B 220 -36.56 17.01 -14.59
C GLN B 220 -35.93 18.36 -14.86
N VAL B 221 -36.23 18.94 -16.00
CA VAL B 221 -35.75 20.27 -16.34
C VAL B 221 -36.81 21.28 -15.92
N TRP B 222 -36.38 22.36 -15.27
CA TRP B 222 -37.30 23.32 -14.69
C TRP B 222 -36.82 24.73 -15.01
N ALA B 223 -37.77 25.62 -15.31
CA ALA B 223 -37.46 26.99 -15.66
C ALA B 223 -37.46 27.84 -14.38
N TYR B 224 -36.27 28.22 -13.92
CA TYR B 224 -36.17 29.05 -12.73
C TYR B 224 -36.14 30.52 -13.12
N PRO B 225 -37.08 31.33 -12.64
CA PRO B 225 -37.08 32.76 -12.97
C PRO B 225 -35.76 33.42 -12.65
N GLN B 226 -35.29 34.25 -13.59
CA GLN B 226 -34.05 35.03 -13.52
C GLN B 226 -32.79 34.18 -13.65
N ILE B 227 -32.93 32.89 -13.96
CA ILE B 227 -31.77 32.02 -14.10
C ILE B 227 -31.83 31.28 -15.44
N GLY B 228 -32.90 30.52 -15.65
CA GLY B 228 -33.14 29.75 -16.85
C GLY B 228 -33.53 28.34 -16.51
N GLU B 229 -33.42 27.45 -17.48
CA GLU B 229 -33.75 26.04 -17.28
C GLU B 229 -32.56 25.32 -16.68
N MET B 230 -32.82 24.52 -15.65
CA MET B 230 -31.76 23.80 -14.95
C MET B 230 -32.19 22.37 -14.68
N ASP B 231 -31.22 21.46 -14.68
CA ASP B 231 -31.49 20.07 -14.38
C ASP B 231 -31.79 19.95 -12.88
N SER B 232 -33.02 19.56 -12.55
CA SER B 232 -33.46 19.44 -11.17
C SER B 232 -33.68 17.98 -10.82
N TYR B 233 -33.13 17.55 -9.69
CA TYR B 233 -33.19 16.16 -9.26
C TYR B 233 -33.99 16.05 -7.98
N LEU B 234 -34.62 14.90 -7.81
CA LEU B 234 -35.48 14.68 -6.66
C LEU B 234 -34.65 14.24 -5.48
N LEU B 235 -34.81 14.96 -4.37
CA LEU B 235 -34.14 14.67 -3.13
C LEU B 235 -35.17 14.68 -2.03
N TYR B 236 -34.73 14.23 -0.84
CA TYR B 236 -35.52 14.33 0.36
C TYR B 236 -35.05 15.59 1.08
N HIS B 237 -35.98 16.30 1.73
CA HIS B 237 -35.58 17.43 2.54
C HIS B 237 -36.35 17.43 3.84
N GLU B 238 -35.73 18.02 4.86
CA GLU B 238 -36.32 18.10 6.19
C GLU B 238 -37.76 18.61 6.11
N GLU B 239 -37.96 19.72 5.40
CA GLU B 239 -39.23 20.43 5.33
C GLU B 239 -40.40 19.57 4.88
N LEU B 240 -40.15 18.53 4.07
CA LEU B 240 -41.24 17.66 3.63
C LEU B 240 -41.97 17.04 4.81
N GLU B 241 -41.22 16.56 5.80
CA GLU B 241 -41.81 15.95 6.99
C GLU B 241 -42.77 16.90 7.69
N SER B 242 -42.28 18.13 8.00
CA SER B 242 -43.09 19.16 8.63
C SER B 242 -44.34 19.47 7.80
N LEU B 243 -44.14 19.78 6.53
CA LEU B 243 -45.24 20.20 5.68
C LEU B 243 -46.27 19.09 5.49
N VAL B 244 -45.82 17.86 5.22
CA VAL B 244 -46.78 16.78 5.01
C VAL B 244 -47.61 16.57 6.27
N LYS B 245 -47.00 16.73 7.45
CA LYS B 245 -47.75 16.55 8.67
C LYS B 245 -48.64 17.75 9.02
N ASN B 246 -48.25 18.96 8.63
CA ASN B 246 -48.92 20.17 9.08
C ASN B 246 -49.83 20.79 8.03
N ILE B 247 -49.81 20.33 6.78
CA ILE B 247 -50.72 20.83 5.74
C ILE B 247 -51.65 19.68 5.37
N LYS B 248 -52.93 19.81 5.72
CA LYS B 248 -53.91 18.76 5.49
C LYS B 248 -54.31 18.71 4.03
N GLY B 249 -54.60 17.51 3.56
CA GLY B 249 -55.12 17.35 2.22
C GLY B 249 -54.08 17.29 1.13
N LEU B 250 -52.80 17.26 1.49
CA LEU B 250 -51.73 17.22 0.49
C LEU B 250 -51.74 15.87 -0.22
N ARG B 251 -51.69 15.91 -1.55
CA ARG B 251 -51.66 14.68 -2.32
C ARG B 251 -50.26 14.34 -2.83
N ARG B 252 -49.39 15.33 -3.01
CA ARG B 252 -48.01 15.07 -3.38
C ARG B 252 -47.11 16.18 -2.86
N ALA B 253 -45.92 15.79 -2.37
CA ALA B 253 -44.91 16.74 -1.87
C ALA B 253 -43.51 16.30 -2.29
N ARG B 254 -42.77 17.21 -2.95
CA ARG B 254 -41.48 16.86 -3.53
C ARG B 254 -40.49 18.01 -3.38
N PHE B 255 -39.21 17.64 -3.25
CA PHE B 255 -38.13 18.61 -3.16
C PHE B 255 -37.16 18.38 -4.32
N PHE B 256 -36.73 19.48 -4.94
CA PHE B 256 -35.86 19.45 -6.09
C PHE B 256 -34.69 20.39 -5.88
N MET B 257 -33.52 19.91 -6.24
CA MET B 257 -32.29 20.68 -6.20
C MET B 257 -31.59 20.54 -7.54
N THR B 258 -30.95 21.62 -7.99
CA THR B 258 -30.23 21.59 -9.25
C THR B 258 -28.81 21.09 -9.05
N PHE B 259 -28.32 20.36 -10.05
CA PHE B 259 -26.95 19.84 -10.09
C PHE B 259 -26.48 19.95 -11.54
N SER B 260 -25.36 20.62 -11.75
CA SER B 260 -24.84 20.72 -13.10
C SER B 260 -24.10 19.43 -13.49
N GLN B 261 -23.95 19.22 -14.79
CA GLN B 261 -23.23 18.04 -15.23
C GLN B 261 -21.75 18.11 -14.85
N ASN B 262 -21.18 19.32 -14.85
CA ASN B 262 -19.82 19.53 -14.34
C ASN B 262 -19.66 18.96 -12.94
N TYR B 263 -20.46 19.48 -12.01
CA TYR B 263 -20.42 19.06 -10.61
C TYR B 263 -20.68 17.56 -10.45
N LEU B 264 -21.70 17.03 -11.13
CA LEU B 264 -22.03 15.61 -10.95
C LEU B 264 -20.92 14.71 -11.44
N THR B 265 -20.28 15.07 -12.55
CA THR B 265 -19.17 14.26 -13.04
C THR B 265 -18.00 14.26 -12.06
N HIS B 266 -17.65 15.44 -11.55
CA HIS B 266 -16.61 15.52 -10.52
C HIS B 266 -16.93 14.60 -9.35
N MET B 267 -18.16 14.67 -8.84
CA MET B 267 -18.53 13.85 -7.71
C MET B 267 -18.45 12.35 -8.05
N LYS B 268 -18.79 11.97 -9.29
CA LYS B 268 -18.72 10.55 -9.60
C LYS B 268 -17.28 10.08 -9.77
N CYS B 269 -16.40 10.97 -10.22
CA CYS B 269 -14.99 10.61 -10.32
C CYS B 269 -14.37 10.50 -8.94
N LEU B 270 -14.63 11.49 -8.08
CA LEU B 270 -14.15 11.43 -6.71
C LEU B 270 -14.66 10.16 -6.01
N GLU B 271 -15.89 9.75 -6.32
CA GLU B 271 -16.39 8.53 -5.71
C GLU B 271 -15.68 7.30 -6.26
N ASN B 272 -15.19 7.37 -7.49
CA ASN B 272 -14.58 6.19 -8.11
C ASN B 272 -13.16 5.96 -7.62
N VAL B 273 -12.44 7.02 -7.23
CA VAL B 273 -11.10 6.83 -6.69
C VAL B 273 -11.13 6.56 -5.19
N GLY B 274 -12.26 6.75 -4.53
CA GLY B 274 -12.34 6.57 -3.10
C GLY B 274 -12.16 7.84 -2.32
N MET B 275 -12.23 9.00 -2.97
CA MET B 275 -12.03 10.29 -2.33
C MET B 275 -13.26 10.79 -1.59
N LEU B 276 -14.37 10.07 -1.66
CA LEU B 276 -15.57 10.39 -0.90
C LEU B 276 -15.75 9.43 0.27
N GLY B 277 -14.67 8.81 0.71
CA GLY B 277 -14.76 7.80 1.75
C GLY B 277 -14.99 8.41 3.12
N ILE B 278 -15.74 7.68 3.93
CA ILE B 278 -16.03 8.08 5.30
C ILE B 278 -15.23 7.26 6.30
N LYS B 279 -15.00 5.98 6.00
CA LYS B 279 -14.13 5.17 6.83
C LYS B 279 -12.70 5.56 6.52
N GLU B 280 -11.88 5.62 7.57
CA GLU B 280 -10.50 6.01 7.36
C GLU B 280 -9.70 4.84 6.78
N ILE B 281 -8.64 5.19 6.08
CA ILE B 281 -7.72 4.25 5.47
C ILE B 281 -6.29 4.63 5.85
N GLU B 282 -5.42 3.63 5.85
CA GLU B 282 -4.05 3.79 6.29
C GLU B 282 -3.16 4.22 5.13
N HIS B 283 -2.43 5.32 5.32
CA HIS B 283 -1.46 5.85 4.36
C HIS B 283 -0.21 6.27 5.09
N GLN B 284 0.91 5.60 4.83
CA GLN B 284 2.19 5.93 5.48
C GLN B 284 2.09 5.85 7.01
N GLY B 285 1.52 4.74 7.50
CA GLY B 285 1.39 4.52 8.93
C GLY B 285 0.47 5.49 9.64
N VAL B 286 -0.36 6.22 8.90
CA VAL B 286 -1.25 7.24 9.45
C VAL B 286 -2.65 7.02 8.91
N LYS B 287 -3.63 6.97 9.82
CA LYS B 287 -5.03 6.80 9.45
C LYS B 287 -5.61 8.14 8.96
N ILE B 288 -6.14 8.17 7.74
CA ILE B 288 -6.70 9.38 7.13
C ILE B 288 -8.11 9.09 6.63
N VAL B 289 -8.97 10.10 6.66
CA VAL B 289 -10.33 10.02 6.14
C VAL B 289 -10.38 10.79 4.83
N PRO B 290 -10.58 10.11 3.69
CA PRO B 290 -10.52 10.80 2.39
C PRO B 290 -11.37 12.07 2.30
N ILE B 291 -12.66 12.02 2.67
CA ILE B 291 -13.49 13.21 2.55
C ILE B 291 -12.92 14.34 3.39
N GLN B 292 -12.27 14.00 4.51
CA GLN B 292 -11.65 15.03 5.34
C GLN B 292 -10.40 15.59 4.69
N PHE B 293 -9.65 14.75 3.97
CA PHE B 293 -8.52 15.27 3.19
C PHE B 293 -9.02 16.14 2.05
N LEU B 294 -10.17 15.77 1.47
CA LEU B 294 -10.76 16.58 0.42
C LEU B 294 -11.11 17.97 0.92
N LYS B 295 -11.56 18.08 2.18
CA LYS B 295 -11.89 19.39 2.71
C LYS B 295 -10.65 20.27 2.82
N THR B 296 -9.50 19.68 3.21
CA THR B 296 -8.26 20.46 3.28
C THR B 296 -7.83 20.91 1.89
N LEU B 297 -7.98 20.03 0.90
CA LEU B 297 -7.59 20.35 -0.48
C LEU B 297 -8.46 21.46 -1.07
N LEU B 298 -9.78 21.30 -1.01
CA LEU B 298 -10.68 22.25 -1.66
C LEU B 298 -10.54 23.62 -0.99
N PRO B 299 -10.77 24.69 -1.74
CA PRO B 299 -10.59 26.04 -1.19
C PRO B 299 -11.48 26.32 0.02
N ASP B 300 -10.92 27.11 0.93
CA ASP B 300 -11.61 27.56 2.13
C ASP B 300 -12.83 28.40 1.72
N PRO B 301 -14.04 28.02 2.16
CA PRO B 301 -15.24 28.75 1.71
C PRO B 301 -15.24 30.23 2.05
N ALA B 302 -14.42 30.70 2.97
CA ALA B 302 -14.39 32.15 3.22
C ALA B 302 -13.78 32.89 2.03
N THR B 303 -12.82 32.26 1.35
CA THR B 303 -12.21 32.92 0.19
C THR B 303 -13.02 32.72 -1.07
N LEU B 304 -14.01 31.82 -1.05
CA LEU B 304 -14.85 31.65 -2.22
C LEU B 304 -15.91 32.74 -2.29
N ALA B 305 -16.31 33.25 -1.13
CA ALA B 305 -17.35 34.27 -1.07
C ALA B 305 -16.96 35.51 -1.85
N LYS B 306 -15.69 35.93 -1.76
CA LYS B 306 -15.25 37.15 -2.42
C LYS B 306 -15.38 37.06 -3.94
N ASP B 307 -15.16 35.88 -4.52
CA ASP B 307 -15.15 35.74 -5.97
C ASP B 307 -16.45 35.23 -6.55
N THR B 308 -17.33 34.63 -5.73
CA THR B 308 -18.52 33.96 -6.24
C THR B 308 -19.51 34.95 -6.83
N THR B 309 -20.00 34.63 -8.02
CA THR B 309 -20.99 35.41 -8.73
C THR B 309 -22.08 34.48 -9.22
N GLY B 310 -23.29 35.02 -9.37
CA GLY B 310 -24.40 34.23 -9.87
C GLY B 310 -25.63 34.45 -9.03
N LYS B 311 -26.64 33.62 -9.26
CA LYS B 311 -27.90 33.78 -8.58
C LYS B 311 -28.38 32.44 -8.02
N THR B 312 -29.21 32.53 -6.99
CA THR B 312 -29.88 31.39 -6.40
C THR B 312 -31.38 31.60 -6.56
N ASN B 313 -32.11 30.51 -6.73
CA ASN B 313 -33.57 30.54 -6.78
C ASN B 313 -34.08 29.43 -5.87
N ILE B 314 -34.76 29.80 -4.79
CA ILE B 314 -35.44 28.83 -3.96
C ILE B 314 -36.89 29.29 -3.84
N GLY B 315 -37.80 28.33 -3.92
CA GLY B 315 -39.21 28.68 -3.88
C GLY B 315 -40.05 27.43 -3.92
N CYS B 316 -41.36 27.64 -3.88
CA CYS B 316 -42.33 26.54 -3.92
C CYS B 316 -43.31 26.74 -5.07
N TYR B 317 -43.65 25.63 -5.72
CA TYR B 317 -44.63 25.58 -6.79
C TYR B 317 -45.76 24.68 -6.33
N MET B 318 -46.94 25.25 -6.14
CA MET B 318 -48.09 24.55 -5.61
C MET B 318 -49.23 24.58 -6.63
N THR B 319 -50.03 23.52 -6.61
CA THR B 319 -51.28 23.43 -7.35
C THR B 319 -52.37 23.14 -6.34
N GLY B 320 -53.41 23.96 -6.34
CA GLY B 320 -54.52 23.76 -5.43
C GLY B 320 -55.87 24.15 -5.98
N ILE B 321 -56.68 24.78 -5.15
CA ILE B 321 -58.04 25.18 -5.51
C ILE B 321 -58.40 26.43 -4.72
N LYS B 322 -58.90 27.44 -5.42
CA LYS B 322 -59.33 28.71 -4.84
C LYS B 322 -60.68 29.09 -5.42
N ASN B 323 -61.68 29.25 -4.56
CA ASN B 323 -63.07 29.51 -4.96
C ASN B 323 -63.56 28.43 -5.92
N ASN B 324 -63.23 27.17 -5.59
CA ASN B 324 -63.64 26.00 -6.35
C ASN B 324 -63.20 26.07 -7.83
N GLN B 325 -62.18 26.89 -8.10
CA GLN B 325 -61.55 27.07 -9.41
C GLN B 325 -60.06 26.72 -9.27
N ASP B 326 -59.53 25.98 -10.24
CA ASP B 326 -58.14 25.55 -10.20
C ASP B 326 -57.19 26.73 -10.19
N LYS B 327 -56.15 26.61 -9.37
CA LYS B 327 -55.10 27.61 -9.26
C LYS B 327 -53.78 26.89 -9.11
N THR B 328 -52.72 27.54 -9.56
CA THR B 328 -51.35 27.11 -9.30
C THR B 328 -50.59 28.34 -8.89
N LEU B 329 -49.72 28.19 -7.89
CA LEU B 329 -48.97 29.29 -7.34
C LEU B 329 -47.49 28.92 -7.35
N TYR B 330 -46.65 29.92 -7.55
CA TYR B 330 -45.20 29.74 -7.57
C TYR B 330 -44.62 30.93 -6.81
N ILE B 331 -44.25 30.71 -5.56
CA ILE B 331 -43.56 31.72 -4.76
C ILE B 331 -42.09 31.35 -4.72
N TYR B 332 -41.23 32.33 -4.93
CA TYR B 332 -39.81 32.05 -5.03
C TYR B 332 -39.04 33.32 -4.67
N ASN B 333 -37.77 33.14 -4.35
CA ASN B 333 -36.88 34.26 -4.08
C ASN B 333 -35.58 34.07 -4.86
N VAL B 334 -35.09 35.15 -5.44
CA VAL B 334 -33.82 35.16 -6.15
C VAL B 334 -32.85 36.02 -5.35
N CYS B 335 -31.63 35.53 -5.21
CA CYS B 335 -30.57 36.16 -4.43
C CYS B 335 -29.29 36.14 -5.24
N ASP B 336 -28.57 37.25 -5.22
CA ASP B 336 -27.39 37.44 -6.04
C ASP B 336 -26.14 37.30 -5.17
N HIS B 337 -25.30 36.30 -5.48
CA HIS B 337 -24.14 35.98 -4.64
C HIS B 337 -23.27 37.20 -4.37
N LYS B 338 -22.92 37.94 -5.42
CA LYS B 338 -22.00 39.06 -5.23
C LYS B 338 -22.68 40.20 -4.46
N LYS B 339 -24.00 40.36 -4.61
CA LYS B 339 -24.69 41.39 -3.86
C LYS B 339 -24.62 41.10 -2.36
N CYS B 340 -24.71 39.83 -1.98
CA CYS B 340 -24.58 39.46 -0.58
C CYS B 340 -23.18 39.79 -0.06
N TYR B 341 -22.15 39.44 -0.83
CA TYR B 341 -20.77 39.68 -0.40
C TYR B 341 -20.50 41.16 -0.15
N GLU B 342 -21.01 42.04 -1.00
CA GLU B 342 -20.79 43.46 -0.77
C GLU B 342 -21.63 43.99 0.38
N GLU B 343 -22.74 43.32 0.72
CA GLU B 343 -23.55 43.82 1.83
C GLU B 343 -22.99 43.38 3.17
N VAL B 344 -22.77 42.09 3.34
CA VAL B 344 -22.32 41.54 4.62
C VAL B 344 -20.99 40.80 4.52
N GLY B 345 -20.59 40.32 3.35
CA GLY B 345 -19.34 39.62 3.19
C GLY B 345 -19.44 38.11 3.08
N SER B 346 -20.64 37.56 2.88
CA SER B 346 -20.86 36.14 2.71
C SER B 346 -21.61 35.92 1.40
N GLN B 347 -21.65 34.67 0.95
CA GLN B 347 -22.33 34.34 -0.29
C GLN B 347 -23.82 34.04 -0.03
N ALA B 348 -24.55 33.77 -1.12
CA ALA B 348 -26.00 33.66 -1.05
C ALA B 348 -26.52 32.43 -0.33
N ILE B 349 -25.74 31.34 -0.27
CA ILE B 349 -26.22 30.17 0.46
C ILE B 349 -26.27 30.48 1.95
N SER B 350 -25.29 31.22 2.44
CA SER B 350 -25.28 31.63 3.84
C SER B 350 -26.22 32.80 4.08
N TYR B 351 -26.47 33.60 3.05
CA TYR B 351 -27.37 34.74 3.20
C TYR B 351 -28.83 34.30 3.24
N THR B 352 -29.23 33.41 2.34
CA THR B 352 -30.61 32.93 2.35
C THR B 352 -30.91 32.08 3.56
N THR B 353 -29.89 31.48 4.15
CA THR B 353 -30.10 30.70 5.36
C THR B 353 -30.03 31.55 6.62
N GLY B 354 -29.24 32.62 6.61
CA GLY B 354 -29.04 33.36 7.85
C GLY B 354 -29.95 34.55 8.07
N VAL B 355 -30.48 35.14 7.00
CA VAL B 355 -31.35 36.30 7.12
C VAL B 355 -32.68 35.87 7.74
N PRO B 356 -33.28 34.75 7.35
CA PRO B 356 -34.49 34.32 8.07
C PRO B 356 -34.26 34.11 9.57
N ALA B 357 -33.12 33.52 9.94
CA ALA B 357 -32.80 33.31 11.34
C ALA B 357 -32.86 34.63 12.12
N MET B 358 -32.30 35.71 11.56
CA MET B 358 -32.37 37.00 12.24
C MET B 358 -33.80 37.54 12.25
N CYS B 359 -34.55 37.30 11.18
CA CYS B 359 -35.95 37.74 11.16
C CYS B 359 -36.76 37.01 12.22
N ALA B 360 -36.54 35.71 12.36
CA ALA B 360 -37.20 34.96 13.42
C ALA B 360 -36.84 35.53 14.80
N ALA B 361 -35.57 35.91 15.01
CA ALA B 361 -35.19 36.53 16.26
C ALA B 361 -35.94 37.84 16.49
N LYS B 362 -36.07 38.67 15.45
CA LYS B 362 -36.83 39.93 15.59
C LYS B 362 -38.27 39.65 15.97
N MET B 363 -38.85 38.60 15.41
CA MET B 363 -40.24 38.27 15.68
C MET B 363 -40.47 37.81 17.11
N ILE B 364 -39.43 37.42 17.82
CA ILE B 364 -39.58 36.97 19.19
C ILE B 364 -39.26 38.12 20.15
N CYS B 365 -38.33 39.00 19.74
CA CYS B 365 -37.94 40.07 20.63
C CYS B 365 -38.94 41.21 20.69
N ASN B 366 -39.66 41.48 19.59
CA ASN B 366 -40.71 42.48 19.60
C ASN B 366 -42.07 41.88 19.93
N ASP B 367 -42.10 40.59 20.30
CA ASP B 367 -43.25 39.87 20.85
C ASP B 367 -44.32 39.52 19.80
N THR B 368 -44.00 39.65 18.51
CA THR B 368 -44.89 39.16 17.45
C THR B 368 -45.12 37.65 17.58
N TRP B 369 -44.04 36.90 17.61
CA TRP B 369 -44.06 35.46 17.88
C TRP B 369 -43.81 35.26 19.36
N SER B 370 -44.79 34.69 20.06
CA SER B 370 -44.61 34.55 21.49
C SER B 370 -45.12 33.20 21.97
N ALA B 371 -44.58 32.82 23.12
CA ALA B 371 -45.03 31.67 23.88
C ALA B 371 -45.93 32.10 25.02
N ASP B 372 -46.08 33.40 25.22
CA ASP B 372 -46.96 33.89 26.26
C ASP B 372 -48.40 33.62 25.88
N HIS B 373 -49.24 33.46 26.90
CA HIS B 373 -50.70 33.26 26.75
C HIS B 373 -50.96 32.02 25.91
N PHE B 374 -51.84 32.10 24.91
CA PHE B 374 -52.43 30.99 24.15
C PHE B 374 -51.54 29.76 23.98
N ARG B 375 -50.38 29.91 23.35
CA ARG B 375 -49.62 28.71 23.03
C ARG B 375 -48.12 28.94 23.04
N ALA B 376 -47.42 27.85 23.28
CA ALA B 376 -45.98 27.80 23.46
C ALA B 376 -45.57 26.40 23.09
N GLY B 377 -44.25 26.17 22.98
CA GLY B 377 -43.78 24.86 22.60
C GLY B 377 -42.83 24.91 21.41
N VAL B 378 -42.70 23.76 20.75
CA VAL B 378 -41.79 23.60 19.63
C VAL B 378 -42.60 23.57 18.33
N PHE B 379 -42.25 24.49 17.42
CA PHE B 379 -43.02 24.71 16.20
C PHE B 379 -42.11 24.82 14.97
N ASN B 380 -42.70 24.50 13.84
CA ASN B 380 -42.09 24.83 12.56
C ASN B 380 -42.72 26.12 12.05
N ILE B 381 -42.02 26.79 11.14
CA ILE B 381 -42.38 28.15 10.74
C ILE B 381 -43.77 28.22 10.14
N GLU B 382 -44.28 27.10 9.59
CA GLU B 382 -45.61 27.18 8.99
C GLU B 382 -46.72 27.13 10.00
N GLU B 383 -46.40 26.90 11.27
CA GLU B 383 -47.42 26.91 12.30
C GLU B 383 -47.55 28.25 12.98
N LEU B 384 -46.77 29.24 12.57
CA LEU B 384 -46.75 30.52 13.22
C LEU B 384 -47.42 31.54 12.31
N ASN B 385 -47.57 32.76 12.82
CA ASN B 385 -48.16 33.84 12.04
C ASN B 385 -47.12 34.33 11.05
N THR B 386 -47.27 33.94 9.79
CA THR B 386 -46.27 34.25 8.78
C THR B 386 -46.40 35.65 8.22
N ASP B 387 -47.51 36.36 8.48
CA ASP B 387 -47.69 37.68 7.87
C ASP B 387 -46.59 38.68 8.25
N PRO B 388 -46.24 38.86 9.54
CA PRO B 388 -45.16 39.79 9.85
C PRO B 388 -43.79 39.25 9.52
N PHE B 389 -43.66 37.93 9.42
CA PHE B 389 -42.39 37.32 9.07
C PHE B 389 -42.04 37.61 7.62
N MET B 390 -43.02 37.44 6.72
CA MET B 390 -42.81 37.71 5.30
C MET B 390 -42.54 39.18 5.05
N GLU B 391 -43.26 40.07 5.75
CA GLU B 391 -42.99 41.49 5.59
C GLU B 391 -41.59 41.83 6.08
N GLU B 392 -41.13 41.15 7.13
CA GLU B 392 -39.78 41.40 7.64
C GLU B 392 -38.72 40.84 6.69
N LEU B 393 -39.00 39.69 6.08
CA LEU B 393 -38.07 39.10 5.12
C LEU B 393 -37.85 40.05 3.95
N ILE B 394 -38.90 40.74 3.51
CA ILE B 394 -38.78 41.69 2.41
C ILE B 394 -37.89 42.86 2.81
N LYS B 395 -38.11 43.39 4.02
CA LYS B 395 -37.33 44.54 4.47
C LYS B 395 -35.85 44.20 4.63
N GLN B 396 -35.53 42.98 5.01
CA GLN B 396 -34.15 42.63 5.34
C GLN B 396 -33.33 42.13 4.17
N GLY B 397 -33.90 42.01 2.98
CA GLY B 397 -33.12 41.66 1.79
C GLY B 397 -33.55 40.39 1.09
N LEU B 398 -34.63 39.72 1.51
CA LEU B 398 -35.10 38.49 0.87
C LEU B 398 -36.52 38.67 0.35
N PRO B 399 -36.72 39.56 -0.63
CA PRO B 399 -38.05 39.76 -1.20
C PRO B 399 -38.43 38.63 -2.15
N TYR B 400 -39.72 38.33 -2.20
CA TYR B 400 -40.15 37.23 -3.03
C TYR B 400 -40.98 37.73 -4.21
N GLU B 401 -41.21 36.81 -5.15
CA GLU B 401 -41.97 37.05 -6.36
C GLU B 401 -43.01 35.95 -6.50
N VAL B 402 -44.18 36.32 -7.00
CA VAL B 402 -45.28 35.39 -7.16
C VAL B 402 -45.62 35.23 -8.64
N ILE B 403 -46.08 34.01 -8.98
CA ILE B 403 -46.51 33.65 -10.33
C ILE B 403 -47.77 32.82 -10.09
N GLU B 404 -48.93 33.42 -10.37
CA GLU B 404 -50.22 32.84 -10.07
C GLU B 404 -50.95 32.52 -11.37
N ARG B 405 -51.51 31.32 -11.44
CA ARG B 405 -52.19 30.86 -12.65
C ARG B 405 -53.40 29.98 -12.33
N MET C 7 45.77 -21.46 19.71
CA MET C 7 46.65 -20.31 19.70
C MET C 7 46.05 -19.09 18.96
N HIS C 8 44.75 -19.17 18.63
CA HIS C 8 44.10 -18.30 17.67
C HIS C 8 42.95 -17.51 18.27
N THR C 9 42.32 -16.74 17.41
CA THR C 9 41.30 -15.78 17.74
C THR C 9 39.99 -16.18 17.05
N VAL C 10 38.89 -16.17 17.79
CA VAL C 10 37.60 -16.51 17.21
C VAL C 10 36.67 -15.34 17.46
N LEU C 11 35.87 -15.01 16.46
CA LEU C 11 34.86 -13.95 16.55
C LEU C 11 33.49 -14.60 16.42
N GLN C 12 32.66 -14.42 17.44
CA GLN C 12 31.31 -14.99 17.44
C GLN C 12 30.28 -13.87 17.38
N ILE C 13 29.32 -14.02 16.47
CA ILE C 13 28.25 -13.05 16.24
C ILE C 13 26.97 -13.68 16.78
N GLY C 14 26.52 -13.24 17.95
CA GLY C 14 25.28 -13.74 18.51
C GLY C 14 25.43 -14.07 19.99
N ALA C 15 24.50 -13.64 20.82
CA ALA C 15 24.63 -13.85 22.26
C ALA C 15 23.34 -14.39 22.85
N GLY C 16 22.66 -15.27 22.12
CA GLY C 16 21.46 -15.89 22.61
C GLY C 16 21.76 -17.19 23.30
N GLY C 17 20.75 -18.06 23.37
CA GLY C 17 20.92 -19.33 24.07
C GLY C 17 21.99 -20.19 23.46
N VAL C 18 21.98 -20.31 22.13
CA VAL C 18 23.02 -21.08 21.47
C VAL C 18 24.34 -20.33 21.54
N GLY C 19 24.29 -19.00 21.46
CA GLY C 19 25.51 -18.23 21.53
C GLY C 19 26.24 -18.38 22.86
N SER C 20 25.49 -18.60 23.95
CA SER C 20 26.13 -18.77 25.26
C SER C 20 26.80 -20.14 25.36
N VAL C 21 26.20 -21.17 24.78
CA VAL C 21 26.81 -22.50 24.85
C VAL C 21 28.13 -22.50 24.12
N VAL C 22 28.18 -21.83 22.97
CA VAL C 22 29.41 -21.79 22.17
C VAL C 22 30.51 -21.05 22.94
N ALA C 23 30.18 -19.90 23.53
CA ALA C 23 31.21 -19.16 24.25
C ALA C 23 31.75 -19.96 25.42
N HIS C 24 30.86 -20.55 26.21
CA HIS C 24 31.30 -21.38 27.34
C HIS C 24 32.18 -22.52 26.86
N LYS C 25 31.71 -23.26 25.86
CA LYS C 25 32.45 -24.42 25.36
C LYS C 25 33.79 -24.00 24.75
N MET C 26 33.85 -22.84 24.07
CA MET C 26 35.16 -22.37 23.62
C MET C 26 36.04 -22.00 24.80
N GLY C 27 35.48 -21.39 25.84
CA GLY C 27 36.26 -21.05 27.01
C GLY C 27 36.68 -22.24 27.83
N MET C 28 36.11 -23.42 27.55
CA MET C 28 36.55 -24.63 28.20
C MET C 28 37.74 -25.26 27.51
N ASN C 29 37.99 -24.88 26.27
CA ASN C 29 39.10 -25.40 25.47
C ASN C 29 40.09 -24.29 25.17
N ARG C 30 40.78 -23.82 26.21
CA ARG C 30 41.64 -22.65 26.05
C ARG C 30 42.97 -22.97 25.36
N ASP C 31 43.23 -24.24 25.07
CA ASP C 31 44.43 -24.59 24.31
C ASP C 31 44.28 -24.22 22.84
N VAL C 32 43.05 -24.08 22.37
CA VAL C 32 42.78 -23.71 21.01
C VAL C 32 42.35 -22.26 20.91
N PHE C 33 41.43 -21.86 21.79
CA PHE C 33 40.78 -20.56 21.72
C PHE C 33 41.44 -19.65 22.75
N LYS C 34 42.50 -18.96 22.33
CA LYS C 34 43.18 -18.01 23.22
C LYS C 34 42.40 -16.72 23.32
N ASN C 35 41.98 -16.17 22.19
CA ASN C 35 41.22 -14.93 22.13
C ASN C 35 39.79 -15.22 21.68
N ILE C 36 38.81 -14.84 22.49
CA ILE C 36 37.40 -15.04 22.17
C ILE C 36 36.73 -13.67 22.18
N ILE C 37 36.12 -13.27 21.07
CA ILE C 37 35.40 -12.00 21.03
C ILE C 37 33.95 -12.28 20.67
N LEU C 38 33.04 -11.71 21.46
CA LEU C 38 31.61 -11.81 21.25
C LEU C 38 31.05 -10.48 20.79
N ALA C 39 30.16 -10.54 19.80
CA ALA C 39 29.54 -9.35 19.25
C ALA C 39 28.06 -9.59 19.07
N SER C 40 27.26 -8.55 19.33
CA SER C 40 25.82 -8.65 19.16
C SER C 40 25.26 -7.23 19.05
N ARG C 41 23.98 -7.15 18.67
CA ARG C 41 23.29 -5.87 18.75
C ARG C 41 23.01 -5.51 20.20
N SER C 42 22.81 -6.53 21.04
CA SER C 42 22.49 -6.38 22.45
C SER C 42 23.74 -6.62 23.27
N LEU C 43 24.35 -5.53 23.77
CA LEU C 43 25.51 -5.68 24.64
C LEU C 43 25.16 -6.39 25.95
N ASP C 44 23.95 -6.16 26.48
CA ASP C 44 23.56 -6.78 27.76
C ASP C 44 23.68 -8.30 27.70
N LYS C 45 23.20 -8.92 26.63
CA LYS C 45 23.31 -10.38 26.53
C LYS C 45 24.76 -10.83 26.51
N CYS C 46 25.63 -10.05 25.87
CA CYS C 46 27.06 -10.38 25.83
C CYS C 46 27.68 -10.35 27.21
N TYR C 47 27.52 -9.22 27.93
CA TYR C 47 28.13 -9.07 29.25
C TYR C 47 27.62 -10.11 30.21
N ALA C 48 26.38 -10.56 30.01
CA ALA C 48 25.83 -11.64 30.81
C ALA C 48 26.62 -12.93 30.60
N ILE C 49 26.96 -13.24 29.35
CA ILE C 49 27.78 -14.41 29.08
C ILE C 49 29.18 -14.21 29.66
N LYS C 50 29.73 -13.01 29.50
CA LYS C 50 31.04 -12.71 30.05
C LYS C 50 31.06 -12.98 31.55
N GLU C 51 30.06 -12.48 32.27
CA GLU C 51 29.99 -12.69 33.72
C GLU C 51 29.91 -14.18 34.05
N SER C 52 29.03 -14.91 33.35
CA SER C 52 28.89 -16.34 33.60
C SER C 52 30.20 -17.08 33.39
N MET C 53 30.87 -16.79 32.29
CA MET C 53 32.14 -17.44 31.97
C MET C 53 33.17 -17.18 33.05
N LEU C 54 33.20 -15.96 33.58
CA LEU C 54 34.12 -15.63 34.66
C LEU C 54 33.80 -16.42 35.92
N LYS C 55 32.51 -16.57 36.25
CA LYS C 55 32.13 -17.33 37.44
C LYS C 55 32.57 -18.79 37.34
N LYS C 56 32.57 -19.35 36.13
CA LYS C 56 33.02 -20.73 35.94
C LYS C 56 34.52 -20.84 35.72
N GLY C 57 35.25 -19.73 35.84
CA GLY C 57 36.70 -19.76 35.70
C GLY C 57 37.11 -20.16 34.30
N LEU C 58 36.45 -19.57 33.31
CA LEU C 58 36.70 -19.88 31.92
C LEU C 58 37.47 -18.79 31.18
N GLY C 59 37.82 -17.72 31.87
CA GLY C 59 38.66 -16.69 31.32
C GLY C 59 37.85 -15.47 30.93
N GLU C 60 38.55 -14.50 30.36
CA GLU C 60 37.92 -13.26 29.94
C GLU C 60 37.59 -13.33 28.45
N ILE C 61 36.55 -12.62 28.04
CA ILE C 61 36.20 -12.54 26.63
C ILE C 61 36.01 -11.08 26.23
N GLY C 62 36.10 -10.84 24.93
CA GLY C 62 35.89 -9.52 24.38
C GLY C 62 34.43 -9.34 24.00
N VAL C 63 33.93 -8.15 24.23
CA VAL C 63 32.54 -7.82 23.98
C VAL C 63 32.49 -6.60 23.06
N GLU C 64 31.74 -6.70 21.97
CA GLU C 64 31.63 -5.62 21.01
C GLU C 64 30.19 -5.52 20.52
N GLN C 65 29.80 -4.30 20.16
CA GLN C 65 28.49 -4.07 19.59
C GLN C 65 28.60 -3.99 18.07
N VAL C 66 27.63 -4.59 17.38
CA VAL C 66 27.68 -4.61 15.92
C VAL C 66 26.27 -4.82 15.39
N ASP C 67 25.96 -4.15 14.29
CA ASP C 67 24.73 -4.41 13.57
C ASP C 67 25.04 -5.42 12.48
N ALA C 68 24.62 -6.68 12.68
CA ALA C 68 24.98 -7.70 11.71
C ALA C 68 24.23 -7.53 10.40
N ASP C 69 23.40 -6.50 10.25
CA ASP C 69 22.83 -6.17 8.97
C ASP C 69 23.76 -5.31 8.13
N ASP C 70 24.81 -4.75 8.75
CA ASP C 70 25.73 -3.83 8.11
C ASP C 70 27.02 -4.56 7.77
N THR C 71 27.18 -4.89 6.49
CA THR C 71 28.39 -5.58 6.08
C THR C 71 29.64 -4.75 6.33
N GLN C 72 29.56 -3.43 6.07
CA GLN C 72 30.78 -2.63 6.25
C GLN C 72 31.19 -2.59 7.72
N ALA C 73 30.21 -2.63 8.63
CA ALA C 73 30.52 -2.67 10.05
C ALA C 73 31.04 -4.03 10.48
N LEU C 74 30.50 -5.12 9.92
CA LEU C 74 31.05 -6.44 10.21
C LEU C 74 32.48 -6.56 9.70
N VAL C 75 32.76 -5.97 8.53
CA VAL C 75 34.11 -6.01 7.99
C VAL C 75 35.07 -5.27 8.91
N ALA C 76 34.68 -4.09 9.40
CA ALA C 76 35.56 -3.36 10.31
C ALA C 76 35.83 -4.14 11.59
N LEU C 77 34.86 -4.91 12.05
CA LEU C 77 35.06 -5.75 13.22
C LEU C 77 36.05 -6.87 12.93
N ILE C 78 35.89 -7.52 11.79
CA ILE C 78 36.76 -8.64 11.45
C ILE C 78 38.18 -8.15 11.23
N GLN C 79 38.33 -7.00 10.56
CA GLN C 79 39.66 -6.47 10.32
C GLN C 79 40.34 -6.09 11.61
N LYS C 80 39.57 -5.66 12.62
CA LYS C 80 40.16 -5.24 13.89
C LYS C 80 40.79 -6.42 14.63
N TYR C 81 40.05 -7.51 14.77
CA TYR C 81 40.51 -8.64 15.58
C TYR C 81 41.21 -9.71 14.74
N LYS C 82 40.98 -9.74 13.43
CA LYS C 82 41.59 -10.70 12.53
C LYS C 82 41.45 -12.14 13.01
N PRO C 83 40.23 -12.65 13.16
CA PRO C 83 40.05 -14.01 13.67
C PRO C 83 40.32 -15.04 12.59
N LYS C 84 40.55 -16.27 13.05
CA LYS C 84 40.79 -17.36 12.12
C LYS C 84 39.48 -17.86 11.53
N VAL C 85 38.42 -17.84 12.34
CA VAL C 85 37.09 -18.26 11.91
C VAL C 85 36.07 -17.39 12.62
N VAL C 86 34.93 -17.15 11.95
CA VAL C 86 33.81 -16.41 12.49
C VAL C 86 32.63 -17.36 12.66
N ILE C 87 32.04 -17.39 13.85
CA ILE C 87 30.87 -18.22 14.10
C ILE C 87 29.65 -17.33 14.10
N ASN C 88 28.70 -17.66 13.24
CA ASN C 88 27.45 -16.92 13.11
C ASN C 88 26.38 -17.69 13.89
N VAL C 89 26.02 -17.16 15.05
CA VAL C 89 24.92 -17.63 15.89
C VAL C 89 23.96 -16.47 16.05
N ALA C 90 23.84 -15.65 15.02
CA ALA C 90 23.00 -14.47 15.06
C ALA C 90 21.63 -14.82 14.49
N LEU C 91 20.90 -13.81 13.99
CA LEU C 91 19.61 -14.03 13.37
C LEU C 91 19.82 -14.64 11.97
N PRO C 92 18.86 -15.46 11.50
CA PRO C 92 19.08 -16.16 10.24
C PRO C 92 18.95 -15.29 9.00
N TYR C 93 18.50 -14.04 9.11
CA TYR C 93 18.48 -13.18 7.94
C TYR C 93 19.81 -12.44 7.74
N GLN C 94 20.72 -12.54 8.71
CA GLN C 94 22.04 -11.95 8.64
C GLN C 94 23.11 -12.94 8.21
N ASP C 95 22.72 -14.17 7.85
CA ASP C 95 23.70 -15.17 7.43
C ASP C 95 24.42 -14.74 6.16
N LEU C 96 23.69 -14.11 5.24
CA LEU C 96 24.30 -13.71 3.98
C LEU C 96 25.20 -12.48 4.14
N THR C 97 24.91 -11.61 5.11
CA THR C 97 25.76 -10.44 5.28
C THR C 97 27.04 -10.80 6.01
N ILE C 98 26.99 -11.78 6.90
CA ILE C 98 28.20 -12.20 7.58
C ILE C 98 29.07 -13.00 6.63
N MET C 99 28.44 -13.80 5.77
CA MET C 99 29.20 -14.55 4.79
C MET C 99 29.93 -13.61 3.85
N GLN C 100 29.28 -12.51 3.50
CA GLN C 100 29.91 -11.50 2.64
C GLN C 100 31.04 -10.79 3.37
N ALA C 101 30.87 -10.51 4.66
CA ALA C 101 31.95 -9.89 5.42
C ALA C 101 33.16 -10.81 5.51
N CYS C 102 32.93 -12.10 5.77
CA CYS C 102 34.01 -13.07 5.79
C CYS C 102 34.75 -13.10 4.45
N LEU C 103 33.99 -13.08 3.35
CA LEU C 103 34.58 -13.09 2.02
C LEU C 103 35.47 -11.87 1.77
N GLU C 104 34.98 -10.68 2.11
CA GLU C 104 35.75 -9.47 1.84
C GLU C 104 37.04 -9.45 2.65
N THR C 105 37.02 -10.03 3.83
CA THR C 105 38.18 -10.12 4.70
C THR C 105 38.90 -11.45 4.59
N LYS C 106 38.43 -12.34 3.72
CA LYS C 106 39.00 -13.67 3.50
C LYS C 106 39.18 -14.40 4.83
N THR C 107 38.06 -14.56 5.55
CA THR C 107 38.00 -15.23 6.84
C THR C 107 37.08 -16.43 6.75
N HIS C 108 37.34 -17.44 7.57
CA HIS C 108 36.53 -18.65 7.53
C HIS C 108 35.23 -18.42 8.29
N TYR C 109 34.17 -19.10 7.85
CA TYR C 109 32.81 -18.86 8.34
C TYR C 109 32.16 -20.18 8.76
N ILE C 110 31.40 -20.13 9.87
CA ILE C 110 30.63 -21.25 10.40
C ILE C 110 29.30 -20.69 10.87
N ASP C 111 28.20 -21.37 10.54
CA ASP C 111 26.92 -20.98 11.13
C ASP C 111 26.14 -22.19 11.64
N THR C 112 25.16 -21.90 12.52
CA THR C 112 24.28 -22.93 13.08
C THR C 112 22.87 -22.37 13.28
N ALA C 113 22.14 -22.20 12.17
CA ALA C 113 20.72 -21.77 12.19
C ALA C 113 20.13 -21.76 10.79
N LYS C 122 9.81 -21.58 2.77
CA LYS C 122 10.74 -22.59 3.26
C LYS C 122 12.17 -22.11 3.12
N PHE C 123 13.04 -22.54 4.05
CA PHE C 123 14.45 -22.23 3.97
C PHE C 123 15.11 -23.07 2.88
N GLU C 124 16.04 -22.45 2.16
CA GLU C 124 16.82 -23.18 1.17
C GLU C 124 18.28 -22.75 1.31
N TYR C 125 19.16 -23.66 0.91
CA TYR C 125 20.59 -23.40 1.01
C TYR C 125 21.13 -22.65 -0.20
N LYS C 126 20.29 -22.45 -1.22
CA LYS C 126 20.72 -21.86 -2.48
C LYS C 126 21.58 -20.62 -2.29
N GLU C 127 21.06 -19.60 -1.60
CA GLU C 127 21.82 -18.35 -1.51
C GLU C 127 23.11 -18.54 -0.73
N GLN C 128 23.13 -19.47 0.21
CA GLN C 128 24.38 -19.73 0.91
C GLN C 128 25.31 -20.56 0.05
N TRP C 129 24.75 -21.53 -0.67
CA TRP C 129 25.57 -22.38 -1.51
C TRP C 129 26.20 -21.57 -2.63
N ALA C 130 25.56 -20.48 -3.04
CA ALA C 130 26.08 -19.66 -4.13
C ALA C 130 27.39 -18.97 -3.76
N PHE C 131 27.82 -19.05 -2.51
CA PHE C 131 29.12 -18.50 -2.15
C PHE C 131 30.25 -19.47 -2.42
N ASP C 132 29.96 -20.67 -2.96
CA ASP C 132 30.98 -21.70 -3.16
C ASP C 132 32.07 -21.20 -4.09
N ARG C 133 31.70 -20.62 -5.23
CA ARG C 133 32.72 -20.16 -6.16
C ARG C 133 33.57 -19.05 -5.54
N ALA C 134 32.92 -18.03 -4.97
CA ALA C 134 33.67 -16.92 -4.36
C ALA C 134 34.56 -17.40 -3.21
N TYR C 135 34.06 -18.32 -2.39
CA TYR C 135 34.85 -18.82 -1.27
C TYR C 135 36.04 -19.63 -1.76
N LYS C 136 35.85 -20.39 -2.84
CA LYS C 136 36.95 -21.12 -3.43
C LYS C 136 38.03 -20.17 -3.92
N GLU C 137 37.63 -19.09 -4.58
CA GLU C 137 38.60 -18.15 -5.10
C GLU C 137 39.38 -17.47 -3.97
N ALA C 138 38.76 -17.32 -2.81
CA ALA C 138 39.43 -16.67 -1.68
C ALA C 138 40.11 -17.65 -0.73
N ARG C 139 40.11 -18.94 -1.09
CA ARG C 139 40.73 -19.99 -0.30
C ARG C 139 40.29 -19.92 1.15
N ILE C 140 38.96 -19.92 1.36
CA ILE C 140 38.38 -19.93 2.69
C ILE C 140 37.32 -21.03 2.75
N LEU C 141 36.87 -21.31 3.97
CA LEU C 141 35.92 -22.38 4.24
C LEU C 141 34.58 -21.81 4.68
N GLY C 142 33.52 -22.50 4.32
CA GLY C 142 32.20 -22.11 4.74
C GLY C 142 31.42 -23.33 5.21
N VAL C 143 31.32 -23.53 6.52
CA VAL C 143 30.63 -24.70 7.07
C VAL C 143 29.21 -24.30 7.46
N LEU C 144 28.23 -24.91 6.82
CA LEU C 144 26.83 -24.57 7.02
C LEU C 144 26.14 -25.57 7.93
N GLY C 145 25.30 -25.04 8.82
CA GLY C 145 24.48 -25.85 9.70
C GLY C 145 25.28 -26.72 10.64
N ALA C 146 26.16 -26.10 11.41
CA ALA C 146 27.00 -26.82 12.37
C ALA C 146 26.35 -26.92 13.74
N GLY C 147 25.06 -27.19 13.78
CA GLY C 147 24.32 -27.44 15.01
C GLY C 147 24.17 -28.92 15.23
N PHE C 148 22.98 -29.35 15.67
CA PHE C 148 22.73 -30.78 15.75
C PHE C 148 21.94 -31.29 14.55
N ASP C 149 20.77 -30.71 14.32
CA ASP C 149 19.97 -31.01 13.14
C ASP C 149 19.58 -29.66 12.55
N PRO C 150 20.31 -29.17 11.53
CA PRO C 150 21.39 -29.89 10.86
C PRO C 150 22.76 -29.80 11.54
N GLY C 151 23.63 -30.74 11.21
CA GLY C 151 24.95 -30.76 11.80
C GLY C 151 25.38 -32.16 12.15
N VAL C 152 25.21 -32.51 13.43
CA VAL C 152 25.59 -33.82 13.91
C VAL C 152 24.80 -34.91 13.17
N THR C 153 23.53 -34.64 12.88
CA THR C 153 22.75 -35.59 12.10
C THR C 153 23.38 -35.77 10.72
N ASN C 154 23.92 -34.68 10.15
CA ASN C 154 24.66 -34.83 8.91
C ASN C 154 25.92 -35.66 9.15
N ALA C 155 26.60 -35.41 10.27
CA ALA C 155 27.76 -36.22 10.64
C ALA C 155 27.37 -37.67 10.88
N TYR C 156 26.25 -37.92 11.57
CA TYR C 156 25.81 -39.29 11.81
C TYR C 156 25.62 -40.04 10.49
N VAL C 157 25.02 -39.40 9.50
CA VAL C 157 24.84 -40.06 8.21
C VAL C 157 26.18 -40.20 7.50
N ALA C 158 27.03 -39.17 7.54
CA ALA C 158 28.34 -39.27 6.91
C ALA C 158 29.19 -40.33 7.60
N HIS C 159 29.09 -40.44 8.91
CA HIS C 159 29.86 -41.45 9.63
C HIS C 159 29.34 -42.84 9.34
N ALA C 160 28.03 -42.98 9.09
CA ALA C 160 27.48 -44.29 8.76
C ALA C 160 27.68 -44.64 7.29
N GLN C 161 27.82 -43.63 6.42
CA GLN C 161 28.14 -43.88 5.02
C GLN C 161 29.54 -44.43 4.87
N ARG C 162 30.44 -44.04 5.77
CA ARG C 162 31.85 -44.34 5.67
C ARG C 162 32.30 -45.52 6.52
N HIS C 163 31.53 -45.93 7.51
CA HIS C 163 31.96 -46.98 8.42
C HIS C 163 31.00 -48.14 8.59
N HIS C 164 29.76 -48.04 8.12
CA HIS C 164 28.75 -49.04 8.43
C HIS C 164 27.90 -49.46 7.25
N PHE C 165 27.99 -48.78 6.10
CA PHE C 165 27.15 -49.06 4.94
C PHE C 165 27.99 -48.94 3.69
N ASP C 166 27.61 -49.69 2.66
CA ASP C 166 28.10 -49.48 1.31
C ASP C 166 27.16 -48.58 0.53
N THR C 167 25.86 -48.77 0.71
CA THR C 167 24.84 -47.89 0.20
C THR C 167 23.73 -47.78 1.24
N ILE C 168 23.25 -46.56 1.44
CA ILE C 168 22.20 -46.26 2.41
C ILE C 168 20.93 -46.04 1.61
N HIS C 169 19.87 -46.77 1.95
CA HIS C 169 18.64 -46.69 1.16
C HIS C 169 17.64 -45.72 1.75
N THR C 170 17.41 -45.79 3.06
CA THR C 170 16.42 -44.96 3.72
C THR C 170 17.09 -44.24 4.89
N LEU C 171 16.61 -43.03 5.15
CA LEU C 171 17.11 -42.25 6.26
C LEU C 171 15.94 -41.56 6.91
N ASP C 172 15.78 -41.76 8.20
CA ASP C 172 14.71 -41.16 9.00
C ASP C 172 15.36 -40.44 10.17
N ILE C 173 15.16 -39.15 10.27
CA ILE C 173 15.64 -38.38 11.39
C ILE C 173 14.50 -38.21 12.40
N LEU C 174 14.78 -38.57 13.65
CA LEU C 174 13.80 -38.59 14.72
C LEU C 174 14.33 -37.69 15.83
N ASP C 175 13.63 -36.58 16.05
CA ASP C 175 13.99 -35.55 17.01
C ASP C 175 12.94 -35.55 18.11
N CYS C 176 13.37 -35.75 19.34
CA CYS C 176 12.45 -35.80 20.47
C CYS C 176 12.95 -34.93 21.60
N ASN C 177 12.10 -34.04 22.09
CA ASN C 177 12.39 -33.26 23.27
C ASN C 177 11.39 -33.67 24.34
N ALA C 178 11.88 -34.32 25.39
CA ALA C 178 11.05 -34.81 26.48
C ALA C 178 11.36 -34.04 27.76
N GLY C 179 11.72 -32.78 27.62
CA GLY C 179 12.03 -31.95 28.76
C GLY C 179 10.77 -31.34 29.35
N ASP C 180 10.85 -31.04 30.64
CA ASP C 180 9.75 -30.42 31.38
C ASP C 180 10.25 -29.09 31.95
N HIS C 181 9.74 -27.98 31.43
CA HIS C 181 10.08 -26.67 31.95
C HIS C 181 9.22 -26.25 33.14
N LYS C 182 8.31 -27.13 33.58
CA LYS C 182 7.53 -26.97 34.80
C LYS C 182 6.47 -25.88 34.68
N ARG C 183 6.44 -25.18 33.55
CA ARG C 183 5.42 -24.18 33.33
C ARG C 183 4.23 -24.85 32.68
N PRO C 184 3.04 -24.25 32.75
CA PRO C 184 1.88 -24.87 32.10
C PRO C 184 2.05 -24.96 30.60
N PHE C 185 2.56 -23.88 29.99
CA PHE C 185 2.84 -23.80 28.56
C PHE C 185 3.96 -22.80 28.34
N ALA C 186 4.94 -23.16 27.51
CA ALA C 186 6.03 -22.24 27.23
C ALA C 186 6.80 -22.74 26.02
N THR C 187 7.46 -21.82 25.34
CA THR C 187 8.29 -22.11 24.17
C THR C 187 9.76 -21.93 24.49
N ASN C 188 10.61 -22.69 23.79
CA ASN C 188 12.05 -22.51 23.95
C ASN C 188 12.63 -21.54 22.94
N PHE C 189 11.84 -21.11 21.95
CA PHE C 189 12.27 -20.10 21.00
C PHE C 189 11.15 -19.09 20.82
N ASN C 190 11.36 -18.17 19.89
CA ASN C 190 10.32 -17.23 19.51
C ASN C 190 9.10 -18.01 19.01
N PRO C 191 7.90 -17.69 19.47
CA PRO C 191 6.70 -18.46 19.08
C PRO C 191 6.50 -18.62 17.59
N GLU C 192 7.08 -17.74 16.76
CA GLU C 192 6.91 -17.89 15.32
C GLU C 192 7.55 -19.19 14.82
N ILE C 193 8.66 -19.61 15.44
CA ILE C 193 9.22 -20.93 15.15
C ILE C 193 8.18 -22.01 15.45
N ASN C 194 7.60 -21.95 16.65
CA ASN C 194 6.57 -22.92 17.01
C ASN C 194 5.44 -22.93 16.00
N LEU C 195 5.00 -21.76 15.55
CA LEU C 195 3.93 -21.70 14.56
C LEU C 195 4.37 -22.38 13.27
N ARG C 196 5.61 -22.13 12.84
CA ARG C 196 6.13 -22.75 11.63
C ARG C 196 6.07 -24.27 11.74
N GLU C 197 6.53 -24.81 12.87
CA GLU C 197 6.58 -26.26 13.04
C GLU C 197 5.21 -26.91 12.89
N VAL C 198 4.14 -26.28 13.39
CA VAL C 198 2.84 -26.96 13.41
C VAL C 198 1.88 -26.48 12.31
N SER C 199 2.22 -25.44 11.56
CA SER C 199 1.29 -24.93 10.55
C SER C 199 1.76 -25.14 9.10
N SER C 200 3.06 -25.32 8.86
CA SER C 200 3.55 -25.49 7.50
C SER C 200 3.41 -26.94 7.05
N LYS C 201 3.30 -27.11 5.73
CA LYS C 201 3.12 -28.42 5.13
C LYS C 201 4.33 -29.31 5.38
N GLY C 202 4.08 -30.60 5.54
CA GLY C 202 5.17 -31.55 5.67
C GLY C 202 5.77 -31.83 4.30
N ARG C 203 7.05 -32.19 4.32
CA ARG C 203 7.78 -32.43 3.08
C ARG C 203 8.80 -33.53 3.31
N TYR C 204 8.83 -34.49 2.40
CA TYR C 204 9.86 -35.53 2.46
C TYR C 204 10.24 -35.98 1.06
N TYR C 205 11.32 -36.75 1.00
CA TYR C 205 11.88 -37.22 -0.25
C TYR C 205 11.61 -38.72 -0.36
N GLU C 206 11.06 -39.13 -1.50
CA GLU C 206 10.75 -40.55 -1.72
C GLU C 206 10.94 -40.84 -3.19
N ASN C 207 11.87 -41.76 -3.47
CA ASN C 207 12.10 -42.28 -4.82
C ASN C 207 12.26 -41.15 -5.84
N GLY C 208 13.18 -40.24 -5.53
CA GLY C 208 13.55 -39.18 -6.45
C GLY C 208 12.56 -38.05 -6.56
N LYS C 209 11.55 -38.01 -5.70
CA LYS C 209 10.51 -36.99 -5.71
C LYS C 209 10.32 -36.47 -4.30
N TRP C 210 9.92 -35.20 -4.22
CA TRP C 210 9.60 -34.58 -2.94
C TRP C 210 8.09 -34.59 -2.77
N ILE C 211 7.61 -35.19 -1.68
CA ILE C 211 6.19 -35.34 -1.40
C ILE C 211 5.80 -34.35 -0.32
N GLU C 212 4.73 -33.60 -0.56
CA GLU C 212 4.23 -32.65 0.41
C GLU C 212 3.01 -33.24 1.10
N THR C 213 2.87 -32.97 2.39
CA THR C 213 1.76 -33.49 3.18
C THR C 213 1.00 -32.34 3.82
N LYS C 214 -0.12 -32.67 4.43
CA LYS C 214 -0.80 -31.67 5.21
C LYS C 214 -0.07 -31.56 6.54
N PRO C 215 -0.11 -30.40 7.19
CA PRO C 215 0.64 -30.23 8.44
C PRO C 215 0.33 -31.33 9.46
N LEU C 216 1.37 -32.05 9.87
CA LEU C 216 1.27 -33.15 10.83
C LEU C 216 0.31 -34.24 10.35
N GLU C 217 0.28 -34.49 9.04
CA GLU C 217 -0.59 -35.55 8.54
C GLU C 217 -0.03 -36.92 8.88
N ILE C 218 1.29 -37.08 8.85
CA ILE C 218 1.92 -38.38 9.04
C ILE C 218 2.38 -38.44 10.49
N LYS C 219 1.66 -39.20 11.31
CA LYS C 219 2.07 -39.41 12.69
C LYS C 219 2.52 -40.85 12.84
N GLN C 220 3.39 -41.10 13.82
CA GLN C 220 3.84 -42.46 14.08
C GLN C 220 4.51 -42.53 15.44
N VAL C 221 4.30 -43.66 16.11
CA VAL C 221 4.82 -43.88 17.46
C VAL C 221 6.22 -44.46 17.36
N TRP C 222 7.14 -43.90 18.16
CA TRP C 222 8.53 -44.29 18.11
C TRP C 222 9.07 -44.41 19.53
N ALA C 223 9.84 -45.46 19.77
CA ALA C 223 10.43 -45.70 21.09
C ALA C 223 11.83 -45.10 21.09
N TYR C 224 11.97 -43.96 21.78
CA TYR C 224 13.25 -43.27 21.87
C TYR C 224 14.02 -43.80 23.07
N PRO C 225 15.22 -44.32 22.89
CA PRO C 225 16.00 -44.82 24.01
C PRO C 225 16.09 -43.80 25.12
N GLN C 226 15.89 -44.27 26.37
CA GLN C 226 15.93 -43.49 27.59
C GLN C 226 14.73 -42.56 27.75
N ILE C 227 13.74 -42.63 26.87
CA ILE C 227 12.56 -41.76 26.97
C ILE C 227 11.30 -42.59 26.89
N GLY C 228 11.11 -43.30 25.78
CA GLY C 228 9.95 -44.15 25.67
C GLY C 228 9.22 -43.93 24.37
N GLU C 229 7.97 -44.36 24.33
CA GLU C 229 7.18 -44.21 23.12
C GLU C 229 6.62 -42.79 23.06
N MET C 230 6.81 -42.13 21.92
CA MET C 230 6.39 -40.76 21.72
C MET C 230 5.78 -40.60 20.34
N ASP C 231 4.77 -39.75 20.25
CA ASP C 231 4.14 -39.46 18.96
C ASP C 231 5.04 -38.56 18.14
N SER C 232 5.49 -39.07 17.01
CA SER C 232 6.41 -38.38 16.13
C SER C 232 5.66 -37.99 14.86
N TYR C 233 5.77 -36.72 14.46
CA TYR C 233 5.07 -36.23 13.30
C TYR C 233 6.10 -35.82 12.25
N LEU C 234 5.73 -35.96 10.98
CA LEU C 234 6.63 -35.66 9.88
C LEU C 234 6.55 -34.20 9.52
N LEU C 235 7.69 -33.52 9.53
CA LEU C 235 7.79 -32.16 9.03
C LEU C 235 9.04 -32.06 8.19
N TYR C 236 9.23 -30.91 7.55
CA TYR C 236 10.40 -30.69 6.73
C TYR C 236 11.51 -30.10 7.56
N HIS C 237 12.74 -30.47 7.23
CA HIS C 237 13.92 -29.96 7.91
C HIS C 237 15.01 -29.60 6.92
N GLU C 238 15.84 -28.63 7.32
CA GLU C 238 16.92 -28.10 6.49
C GLU C 238 17.81 -29.21 5.91
N GLU C 239 18.39 -30.04 6.78
CA GLU C 239 19.37 -31.03 6.34
C GLU C 239 18.82 -32.00 5.30
N LEU C 240 17.50 -32.19 5.25
CA LEU C 240 16.95 -33.09 4.24
C LEU C 240 17.41 -32.70 2.84
N GLU C 241 17.35 -31.41 2.53
CA GLU C 241 17.85 -30.91 1.25
C GLU C 241 19.32 -31.27 1.05
N SER C 242 20.17 -30.84 1.98
CA SER C 242 21.60 -31.11 1.92
C SER C 242 21.91 -32.60 1.75
N LEU C 243 21.33 -33.43 2.63
CA LEU C 243 21.63 -34.86 2.61
C LEU C 243 21.21 -35.52 1.29
N VAL C 244 20.01 -35.18 0.79
CA VAL C 244 19.51 -35.80 -0.43
C VAL C 244 20.47 -35.51 -1.60
N LYS C 245 21.06 -34.32 -1.62
CA LYS C 245 22.00 -34.00 -2.69
C LYS C 245 23.33 -34.71 -2.53
N ASN C 246 23.73 -35.01 -1.30
CA ASN C 246 25.07 -35.47 -1.04
C ASN C 246 25.21 -36.95 -0.71
N ILE C 247 24.11 -37.66 -0.48
CA ILE C 247 24.16 -39.07 -0.12
C ILE C 247 23.68 -39.89 -1.31
N LYS C 248 24.57 -40.66 -1.90
CA LYS C 248 24.20 -41.42 -3.08
C LYS C 248 23.31 -42.60 -2.68
N GLY C 249 22.36 -42.91 -3.56
CA GLY C 249 21.51 -44.05 -3.42
C GLY C 249 20.32 -43.89 -2.52
N LEU C 250 20.07 -42.69 -2.01
CA LEU C 250 18.98 -42.49 -1.06
C LEU C 250 17.64 -42.66 -1.75
N ARG C 251 16.79 -43.49 -1.14
CA ARG C 251 15.46 -43.76 -1.64
C ARG C 251 14.36 -43.11 -0.82
N ARG C 252 14.63 -42.78 0.44
CA ARG C 252 13.67 -42.13 1.31
C ARG C 252 14.43 -41.24 2.28
N ALA C 253 13.88 -40.06 2.53
CA ALA C 253 14.43 -39.16 3.52
C ALA C 253 13.30 -38.49 4.26
N ARG C 254 13.25 -38.65 5.57
CA ARG C 254 12.15 -38.12 6.37
C ARG C 254 12.69 -37.58 7.68
N PHE C 255 11.99 -36.56 8.19
CA PHE C 255 12.32 -35.96 9.48
C PHE C 255 11.12 -36.04 10.41
N PHE C 256 11.35 -36.47 11.62
CA PHE C 256 10.27 -36.65 12.57
C PHE C 256 10.58 -35.89 13.84
N MET C 257 9.56 -35.23 14.37
CA MET C 257 9.63 -34.48 15.62
C MET C 257 8.46 -34.89 16.48
N THR C 258 8.68 -34.99 17.78
CA THR C 258 7.64 -35.38 18.70
C THR C 258 6.84 -34.16 19.14
N PHE C 259 5.55 -34.39 19.39
CA PHE C 259 4.62 -33.37 19.88
C PHE C 259 3.70 -34.02 20.87
N SER C 260 3.61 -33.45 22.08
CA SER C 260 2.66 -33.98 23.03
C SER C 260 1.25 -33.50 22.68
N GLN C 261 0.25 -34.26 23.11
CA GLN C 261 -1.13 -33.84 22.87
C GLN C 261 -1.43 -32.57 23.66
N ASN C 262 -0.80 -32.43 24.82
CA ASN C 262 -0.85 -31.17 25.56
C ASN C 262 -0.45 -30.01 24.67
N TYR C 263 0.79 -30.04 24.19
CA TYR C 263 1.33 -28.97 23.34
C TYR C 263 0.45 -28.73 22.13
N LEU C 264 0.02 -29.81 21.47
CA LEU C 264 -0.77 -29.65 20.25
C LEU C 264 -2.11 -28.99 20.55
N THR C 265 -2.75 -29.36 21.65
CA THR C 265 -4.03 -28.75 22.04
C THR C 265 -3.85 -27.27 22.33
N HIS C 266 -2.81 -26.91 23.09
CA HIS C 266 -2.52 -25.50 23.30
C HIS C 266 -2.35 -24.76 21.98
N MET C 267 -1.54 -25.31 21.07
CA MET C 267 -1.33 -24.66 19.79
C MET C 267 -2.62 -24.62 18.98
N LYS C 268 -3.47 -25.64 19.12
CA LYS C 268 -4.72 -25.65 18.38
C LYS C 268 -5.70 -24.62 18.95
N CYS C 269 -5.66 -24.42 20.27
CA CYS C 269 -6.53 -23.45 20.90
C CYS C 269 -6.05 -22.04 20.61
N LEU C 270 -4.75 -21.79 20.74
CA LEU C 270 -4.20 -20.48 20.42
C LEU C 270 -4.52 -20.09 18.98
N GLU C 271 -4.51 -21.07 18.06
CA GLU C 271 -4.80 -20.79 16.67
C GLU C 271 -6.28 -20.47 16.46
N ASN C 272 -7.16 -20.98 17.32
CA ASN C 272 -8.58 -20.80 17.12
C ASN C 272 -9.05 -19.41 17.56
N VAL C 273 -8.35 -18.81 18.53
CA VAL C 273 -8.67 -17.45 18.96
C VAL C 273 -7.95 -16.38 18.16
N GLY C 274 -6.94 -16.74 17.38
CA GLY C 274 -6.18 -15.79 16.61
C GLY C 274 -4.90 -15.32 17.24
N MET C 275 -4.41 -16.00 18.28
CA MET C 275 -3.18 -15.60 18.95
C MET C 275 -1.95 -16.05 18.18
N LEU C 276 -2.13 -16.80 17.11
CA LEU C 276 -1.05 -17.19 16.22
C LEU C 276 -1.06 -16.37 14.95
N GLY C 277 -1.71 -15.21 15.00
CA GLY C 277 -1.80 -14.37 13.84
C GLY C 277 -0.51 -13.61 13.60
N ILE C 278 -0.21 -13.40 12.32
CA ILE C 278 1.00 -12.69 11.93
C ILE C 278 0.72 -11.31 11.38
N LYS C 279 -0.47 -11.09 10.80
CA LYS C 279 -0.88 -9.77 10.35
C LYS C 279 -1.24 -8.87 11.53
N GLU C 280 -1.02 -7.57 11.35
CA GLU C 280 -1.31 -6.61 12.40
C GLU C 280 -2.82 -6.41 12.55
N ILE C 281 -3.24 -6.15 13.79
CA ILE C 281 -4.64 -5.86 14.06
C ILE C 281 -4.69 -4.63 14.94
N GLU C 282 -5.78 -3.88 14.79
CA GLU C 282 -5.95 -2.63 15.53
C GLU C 282 -6.66 -2.93 16.82
N HIS C 283 -6.06 -2.52 17.94
CA HIS C 283 -6.66 -2.65 19.26
C HIS C 283 -6.48 -1.32 19.97
N GLN C 284 -7.59 -0.62 20.18
CA GLN C 284 -7.58 0.68 20.83
C GLN C 284 -6.63 1.65 20.11
N GLY C 285 -6.75 1.68 18.78
CA GLY C 285 -5.94 2.55 17.94
C GLY C 285 -4.47 2.21 17.86
N VAL C 286 -4.07 0.97 18.20
CA VAL C 286 -2.67 0.57 18.23
C VAL C 286 -2.54 -0.72 17.42
N LYS C 287 -1.59 -0.74 16.48
CA LYS C 287 -1.38 -1.91 15.64
C LYS C 287 -0.63 -2.97 16.45
N ILE C 288 -1.23 -4.16 16.60
CA ILE C 288 -0.65 -5.24 17.38
C ILE C 288 -0.56 -6.48 16.50
N VAL C 289 0.52 -7.24 16.66
CA VAL C 289 0.67 -8.52 15.98
C VAL C 289 0.48 -9.61 17.04
N PRO C 290 -0.60 -10.40 16.97
CA PRO C 290 -0.86 -11.40 18.01
C PRO C 290 0.34 -12.27 18.38
N ILE C 291 1.00 -12.88 17.40
CA ILE C 291 2.12 -13.77 17.73
C ILE C 291 3.24 -13.00 18.42
N GLN C 292 3.40 -11.71 18.09
CA GLN C 292 4.39 -10.91 18.81
C GLN C 292 3.94 -10.61 20.24
N PHE C 293 2.64 -10.42 20.43
CA PHE C 293 2.09 -10.25 21.77
C PHE C 293 2.23 -11.53 22.59
N LEU C 294 2.12 -12.67 21.92
CA LEU C 294 2.27 -13.96 22.59
C LEU C 294 3.66 -14.12 23.18
N LYS C 295 4.70 -13.64 22.48
CA LYS C 295 6.06 -13.75 23.00
C LYS C 295 6.21 -12.93 24.28
N THR C 296 5.57 -11.75 24.34
CA THR C 296 5.62 -10.93 25.53
C THR C 296 4.93 -11.61 26.71
N LEU C 297 3.79 -12.26 26.45
CA LEU C 297 3.05 -12.95 27.50
C LEU C 297 3.84 -14.14 28.03
N LEU C 298 4.29 -15.02 27.14
CA LEU C 298 4.96 -16.24 27.53
C LEU C 298 6.28 -15.94 28.23
N PRO C 299 6.77 -16.86 29.08
CA PRO C 299 8.03 -16.65 29.79
C PRO C 299 9.20 -16.46 28.81
N ASP C 300 10.14 -15.62 29.19
CA ASP C 300 11.37 -15.46 28.42
C ASP C 300 12.09 -16.81 28.47
N PRO C 301 12.40 -17.42 27.32
CA PRO C 301 12.97 -18.78 27.34
C PRO C 301 14.27 -18.92 28.11
N ALA C 302 14.97 -17.83 28.40
CA ALA C 302 16.21 -17.94 29.15
C ALA C 302 15.95 -18.39 30.60
N THR C 303 14.78 -18.08 31.14
CA THR C 303 14.47 -18.39 32.52
C THR C 303 14.06 -19.84 32.75
N LEU C 304 13.86 -20.60 31.67
CA LEU C 304 13.43 -21.98 31.79
C LEU C 304 14.57 -22.97 32.07
N ALA C 305 15.81 -22.62 31.70
CA ALA C 305 16.91 -23.58 31.82
C ALA C 305 17.06 -24.11 33.25
N LYS C 306 17.01 -23.22 34.25
CA LYS C 306 17.24 -23.66 35.62
C LYS C 306 16.18 -24.65 36.07
N ASP C 307 14.95 -24.53 35.57
CA ASP C 307 13.85 -25.40 35.99
C ASP C 307 13.66 -26.61 35.08
N THR C 308 14.21 -26.60 33.86
CA THR C 308 13.97 -27.71 32.93
C THR C 308 14.69 -28.98 33.38
N THR C 309 13.97 -30.09 33.33
CA THR C 309 14.49 -31.42 33.63
C THR C 309 13.99 -32.38 32.57
N GLY C 310 14.79 -33.40 32.27
CA GLY C 310 14.38 -34.36 31.27
C GLY C 310 15.47 -34.58 30.26
N LYS C 311 15.13 -35.26 29.17
CA LYS C 311 16.12 -35.63 28.17
C LYS C 311 15.65 -35.30 26.76
N THR C 312 16.62 -35.15 25.87
CA THR C 312 16.37 -35.02 24.44
C THR C 312 17.04 -36.19 23.74
N ASN C 313 16.42 -36.68 22.68
CA ASN C 313 16.97 -37.74 21.86
C ASN C 313 16.86 -37.31 20.41
N ILE C 314 17.99 -37.12 19.75
CA ILE C 314 18.01 -36.83 18.33
C ILE C 314 18.93 -37.84 17.67
N GLY C 315 18.53 -38.35 16.51
CA GLY C 315 19.35 -39.33 15.83
C GLY C 315 18.78 -39.69 14.48
N CYS C 316 19.52 -40.54 13.78
CA CYS C 316 19.16 -40.99 12.44
C CYS C 316 18.99 -42.50 12.42
N TYR C 317 17.96 -42.95 11.70
CA TYR C 317 17.65 -44.36 11.58
C TYR C 317 17.78 -44.67 10.09
N MET C 318 18.78 -45.47 9.73
CA MET C 318 19.09 -45.77 8.35
C MET C 318 18.97 -47.27 8.07
N THR C 319 18.54 -47.58 6.84
CA THR C 319 18.51 -48.95 6.33
C THR C 319 19.25 -48.96 5.00
N GLY C 320 20.23 -49.85 4.88
CA GLY C 320 20.99 -49.99 3.65
C GLY C 320 21.46 -51.39 3.38
N ILE C 321 22.71 -51.49 2.90
CA ILE C 321 23.34 -52.75 2.48
C ILE C 321 24.83 -52.67 2.82
N LYS C 322 25.35 -53.69 3.50
CA LYS C 322 26.77 -53.76 3.84
C LYS C 322 27.30 -55.16 3.57
N ASN C 323 28.29 -55.26 2.68
CA ASN C 323 28.91 -56.54 2.35
C ASN C 323 27.83 -57.55 1.93
N ASN C 324 27.05 -57.17 0.92
CA ASN C 324 25.97 -57.98 0.36
C ASN C 324 24.80 -58.16 1.32
N GLN C 325 25.02 -58.01 2.63
CA GLN C 325 23.94 -58.27 3.56
C GLN C 325 23.26 -56.96 4.00
N ASP C 326 21.91 -56.98 4.00
CA ASP C 326 21.09 -55.85 4.44
C ASP C 326 21.28 -55.61 5.93
N LYS C 327 21.34 -54.33 6.32
CA LYS C 327 21.47 -53.96 7.72
C LYS C 327 20.69 -52.68 8.01
N THR C 328 20.39 -52.46 9.29
CA THR C 328 19.77 -51.23 9.75
C THR C 328 20.60 -50.65 10.89
N LEU C 329 20.77 -49.34 10.87
CA LEU C 329 21.61 -48.64 11.83
C LEU C 329 20.82 -47.51 12.45
N TYR C 330 21.07 -47.27 13.74
CA TYR C 330 20.41 -46.21 14.50
C TYR C 330 21.48 -45.54 15.36
N ILE C 331 21.91 -44.34 14.95
CA ILE C 331 22.82 -43.50 15.73
C ILE C 331 22.01 -42.38 16.35
N TYR C 332 22.24 -42.09 17.63
CA TYR C 332 21.45 -41.11 18.34
C TYR C 332 22.26 -40.55 19.49
N ASN C 333 21.78 -39.41 20.01
CA ASN C 333 22.38 -38.77 21.17
C ASN C 333 21.27 -38.49 22.16
N VAL C 334 21.54 -38.74 23.43
CA VAL C 334 20.62 -38.40 24.50
C VAL C 334 21.28 -37.32 25.34
N CYS C 335 20.50 -36.33 25.73
CA CYS C 335 21.02 -35.18 26.45
C CYS C 335 20.13 -34.87 27.65
N ASP C 336 20.73 -34.55 28.78
CA ASP C 336 19.98 -34.27 29.99
C ASP C 336 19.89 -32.76 30.22
N HIS C 337 18.66 -32.24 30.18
CA HIS C 337 18.42 -30.82 30.38
C HIS C 337 19.07 -30.32 31.67
N LYS C 338 18.89 -31.07 32.75
CA LYS C 338 19.44 -30.59 34.02
C LYS C 338 20.96 -30.64 34.03
N LYS C 339 21.55 -31.67 33.40
CA LYS C 339 23.01 -31.78 33.36
C LYS C 339 23.62 -30.65 32.54
N CYS C 340 22.95 -30.24 31.46
CA CYS C 340 23.43 -29.13 30.66
C CYS C 340 23.44 -27.82 31.44
N TYR C 341 22.35 -27.56 32.17
CA TYR C 341 22.26 -26.33 32.95
C TYR C 341 23.32 -26.27 34.04
N GLU C 342 23.61 -27.40 34.69
CA GLU C 342 24.61 -27.38 35.74
C GLU C 342 26.00 -27.11 35.18
N GLU C 343 26.23 -27.47 33.92
CA GLU C 343 27.52 -27.29 33.26
C GLU C 343 27.68 -25.90 32.65
N VAL C 344 26.72 -25.44 31.85
CA VAL C 344 26.87 -24.15 31.17
C VAL C 344 25.77 -23.15 31.49
N GLY C 345 24.60 -23.57 31.96
CA GLY C 345 23.55 -22.63 32.24
C GLY C 345 22.49 -22.53 31.18
N SER C 346 22.48 -23.48 30.24
CA SER C 346 21.49 -23.55 29.18
C SER C 346 20.84 -24.92 29.22
N GLN C 347 19.70 -25.05 28.53
CA GLN C 347 19.01 -26.32 28.47
C GLN C 347 19.57 -27.16 27.33
N ALA C 348 19.06 -28.38 27.17
CA ALA C 348 19.68 -29.30 26.23
C ALA C 348 19.52 -28.85 24.78
N ILE C 349 18.50 -28.06 24.47
CA ILE C 349 18.28 -27.60 23.10
C ILE C 349 19.41 -26.68 22.67
N SER C 350 19.84 -25.78 23.54
CA SER C 350 20.96 -24.93 23.17
C SER C 350 22.29 -25.67 23.29
N TYR C 351 22.35 -26.70 24.12
CA TYR C 351 23.60 -27.44 24.28
C TYR C 351 23.85 -28.31 23.06
N THR C 352 22.82 -29.04 22.58
CA THR C 352 23.01 -29.91 21.43
C THR C 352 23.22 -29.12 20.16
N THR C 353 22.72 -27.89 20.12
CA THR C 353 22.88 -27.04 18.96
C THR C 353 24.20 -26.28 18.97
N GLY C 354 24.69 -25.89 20.15
CA GLY C 354 25.84 -25.02 20.23
C GLY C 354 27.20 -25.70 20.40
N VAL C 355 27.21 -26.92 20.94
CA VAL C 355 28.48 -27.62 21.13
C VAL C 355 29.07 -28.01 19.79
N PRO C 356 28.29 -28.56 18.86
CA PRO C 356 28.87 -28.87 17.54
C PRO C 356 29.48 -27.66 16.87
N ALA C 357 28.84 -26.50 16.98
CA ALA C 357 29.43 -25.28 16.43
C ALA C 357 30.82 -25.06 17.00
N MET C 358 31.01 -25.27 18.30
CA MET C 358 32.33 -25.08 18.87
C MET C 358 33.30 -26.15 18.36
N CYS C 359 32.83 -27.38 18.15
CA CYS C 359 33.72 -28.40 17.60
C CYS C 359 34.16 -28.03 16.20
N ALA C 360 33.22 -27.56 15.37
CA ALA C 360 33.55 -27.15 14.02
C ALA C 360 34.62 -26.07 14.01
N ALA C 361 34.50 -25.08 14.90
CA ALA C 361 35.52 -24.05 14.98
C ALA C 361 36.88 -24.64 15.35
N LYS C 362 36.89 -25.62 16.26
CA LYS C 362 38.16 -26.26 16.64
C LYS C 362 38.77 -26.98 15.44
N MET C 363 37.95 -27.64 14.62
CA MET C 363 38.45 -28.39 13.47
C MET C 363 39.09 -27.46 12.46
N ILE C 364 38.76 -26.17 12.51
CA ILE C 364 39.27 -25.18 11.57
C ILE C 364 40.49 -24.49 12.16
N CYS C 365 40.50 -24.34 13.47
CA CYS C 365 41.62 -23.63 14.07
C CYS C 365 42.83 -24.54 14.17
N ASN C 366 42.64 -25.83 14.44
CA ASN C 366 43.76 -26.76 14.47
C ASN C 366 44.02 -27.41 13.11
N ASP C 367 43.32 -26.94 12.07
CA ASP C 367 43.56 -27.23 10.65
C ASP C 367 43.11 -28.63 10.22
N THR C 368 42.33 -29.34 11.04
CA THR C 368 41.73 -30.60 10.58
C THR C 368 40.90 -30.36 9.33
N TRP C 369 40.02 -29.37 9.37
CA TRP C 369 39.28 -28.90 8.22
C TRP C 369 40.02 -27.67 7.68
N SER C 370 40.49 -27.74 6.46
CA SER C 370 41.28 -26.64 5.93
C SER C 370 40.89 -26.39 4.49
N ALA C 371 41.28 -25.22 4.01
CA ALA C 371 41.09 -24.84 2.62
C ALA C 371 42.31 -25.19 1.78
N ASP C 372 43.36 -25.72 2.41
CA ASP C 372 44.58 -26.13 1.74
C ASP C 372 44.33 -27.36 0.88
N HIS C 373 45.20 -27.56 -0.10
CA HIS C 373 45.08 -28.65 -1.07
C HIS C 373 43.87 -28.52 -2.00
N PHE C 374 43.65 -27.27 -2.43
CA PHE C 374 42.47 -26.74 -3.10
C PHE C 374 41.15 -27.36 -2.62
N ARG C 375 40.88 -27.28 -1.32
CA ARG C 375 39.68 -27.88 -0.73
C ARG C 375 38.75 -26.83 -0.12
N ALA C 376 38.79 -25.61 -0.65
CA ALA C 376 38.02 -24.50 -0.11
C ALA C 376 36.62 -24.46 -0.70
N GLY C 377 35.80 -23.56 -0.16
CA GLY C 377 34.43 -23.39 -0.61
C GLY C 377 33.45 -23.51 0.54
N VAL C 378 32.19 -23.70 0.18
CA VAL C 378 31.07 -23.76 1.10
C VAL C 378 30.59 -25.21 1.18
N PHE C 379 30.48 -25.75 2.40
CA PHE C 379 30.19 -27.16 2.59
C PHE C 379 29.13 -27.37 3.67
N ASN C 380 28.45 -28.50 3.56
CA ASN C 380 27.67 -29.04 4.66
C ASN C 380 28.50 -30.11 5.34
N ILE C 381 28.12 -30.45 6.58
CA ILE C 381 28.97 -31.28 7.42
C ILE C 381 29.19 -32.67 6.84
N GLU C 382 28.27 -33.17 6.03
CA GLU C 382 28.47 -34.51 5.50
C GLU C 382 29.44 -34.54 4.35
N GLU C 383 29.86 -33.37 3.87
CA GLU C 383 30.85 -33.23 2.83
C GLU C 383 32.26 -33.09 3.39
N LEU C 384 32.41 -33.12 4.70
CA LEU C 384 33.67 -32.88 5.38
C LEU C 384 34.17 -34.16 6.00
N ASN C 385 35.39 -34.11 6.53
CA ASN C 385 35.96 -35.26 7.23
C ASN C 385 35.34 -35.31 8.63
N THR C 386 34.35 -36.18 8.80
CA THR C 386 33.63 -36.25 10.06
C THR C 386 34.32 -37.12 11.11
N ASP C 387 35.33 -37.88 10.74
CA ASP C 387 35.93 -38.78 11.72
C ASP C 387 36.53 -38.03 12.90
N PRO C 388 37.29 -36.95 12.72
CA PRO C 388 37.76 -36.22 13.90
C PRO C 388 36.67 -35.43 14.56
N PHE C 389 35.62 -35.10 13.80
CA PHE C 389 34.49 -34.34 14.32
C PHE C 389 33.68 -35.16 15.32
N MET C 390 33.37 -36.41 14.95
CA MET C 390 32.65 -37.30 15.85
C MET C 390 33.48 -37.60 17.10
N GLU C 391 34.80 -37.72 16.95
CA GLU C 391 35.64 -37.93 18.12
C GLU C 391 35.59 -36.73 19.06
N GLU C 392 35.54 -35.51 18.50
CA GLU C 392 35.48 -34.33 19.33
C GLU C 392 34.14 -34.20 20.03
N LEU C 393 33.06 -34.61 19.36
CA LEU C 393 31.74 -34.55 19.95
C LEU C 393 31.66 -35.38 21.23
N ILE C 394 32.34 -36.52 21.26
CA ILE C 394 32.36 -37.30 22.50
C ILE C 394 33.10 -36.54 23.59
N LYS C 395 34.26 -35.95 23.26
CA LYS C 395 35.05 -35.24 24.25
C LYS C 395 34.30 -34.03 24.78
N GLN C 396 33.51 -33.38 23.93
CA GLN C 396 32.86 -32.13 24.32
C GLN C 396 31.47 -32.32 24.92
N GLY C 397 30.98 -33.54 25.07
CA GLY C 397 29.78 -33.73 25.87
C GLY C 397 28.61 -34.31 25.14
N LEU C 398 28.79 -34.68 23.88
CA LEU C 398 27.73 -35.22 23.04
C LEU C 398 28.13 -36.61 22.57
N PRO C 399 28.24 -37.57 23.49
CA PRO C 399 28.58 -38.92 23.04
C PRO C 399 27.38 -39.50 22.33
N TYR C 400 27.64 -40.33 21.34
CA TYR C 400 26.56 -40.92 20.57
C TYR C 400 26.46 -42.40 20.87
N GLU C 401 25.37 -42.98 20.43
CA GLU C 401 25.11 -44.40 20.60
C GLU C 401 24.72 -44.98 19.26
N VAL C 402 25.25 -46.15 18.97
CA VAL C 402 24.97 -46.86 17.74
C VAL C 402 24.21 -48.13 18.10
N ILE C 403 23.29 -48.52 17.23
CA ILE C 403 22.47 -49.71 17.42
C ILE C 403 22.32 -50.37 16.06
N GLU C 404 22.93 -51.53 15.89
CA GLU C 404 22.93 -52.25 14.61
C GLU C 404 21.91 -53.37 14.78
N ARG C 405 20.65 -52.99 14.61
CA ARG C 405 19.51 -53.86 14.81
C ARG C 405 19.21 -54.65 13.53
#